data_8XJL
#
_entry.id   8XJL
#
_cell.length_a   1.00
_cell.length_b   1.00
_cell.length_c   1.00
_cell.angle_alpha   90.00
_cell.angle_beta   90.00
_cell.angle_gamma   90.00
#
_symmetry.space_group_name_H-M   'P 1'
#
loop_
_entity.id
_entity.type
_entity.pdbx_description
1 polymer 'Engineered miniGq'
2 polymer 'Guanine nucleotide-binding protein G(I)/G(S)/G(T) subunit beta-1'
3 polymer 'Guanine nucleotide-binding protein G(I)/G(S)/G(O) subunit gamma-2'
4 polymer 'Antibody fragment scFv16'
5 polymer 'Fusion tag,Prostaglandin F2-alpha receptor,LgBiT'
6 non-polymer '(Z)-7-[(1R,2R,3R,5S)-3,5-bis(oxidanyl)-2-[(E,3S)-3-oxidanyloct-1-enyl]cyclopentyl]hept-5-enoic acid'
#
loop_
_entity_poly.entity_id
_entity_poly.type
_entity_poly.pdbx_seq_one_letter_code
_entity_poly.pdbx_strand_id
1 'polypeptide(L)'
;MGSTVSAEDKAAAERSKMIDKNLREDGEKARRTLRLLLLGADNSGKSTIVKQMRILHGGSGGSGGTSGIFETKFQVDKVN
FHMFDVGGQRDERRKWIQCFNDVTAIIFVVDSSDYNRLQEALNDFKSIWNNRWLRTISVILFLNKQDLLAEKVLAGKSKI
EDYFPEFARYTTPEDATPEPGEDPRVTRAKYFIRKEFVDISTASGDGRHICYPHFTCAVDTENARRIFNDCKDIILQMNL
REYNLV
;
A
2 'polypeptide(L)'
;MHHHHHHGSSGSELDQLRQEAEQLKNQIRDARKACADATLSQITNNIDPVGRIQMRTRRTLRGHLAKIYAMHWGTDSRLL
VSASQDGKLIIWDSYTTNKVHAIPLRSSWVMTCAYAPSGNYVACGGLDNICSIYNLKTREGNVRVSRELAGHTGYLSCCR
FLDDNQIVTSSGDTTCALWDIETGQQTTTFTGHTGDVMSLSLAPDTRLFVSGACDASAKLWDVREGMCRQTFTGHESDIN
AICFFPNGNAFATGSDDATCRLFDLRADQELMTYSHDNIICGITSVSFSKSGRLLLAGYDDFNCNVWDALKADRAGVLAG
HDNRVSCLGVTDDGMAVATGSWDSFLKIWNGSSGGGGSGGGGSSGVSGWRLFKKIS
;
B
3 'polypeptide(L)' MASNNTASIAQARKLVEQLKMEANIDRIKVSKAAADLMAYCEAHAKEDPLLTPVPASENPFREKKFFCAIL C
4 'polypeptide(L)'
;VQLVESGGGLVQPGGSRKLSCSASGFAFSSFGMHWVRQAPEKGLEWVAYISSGSGTIYYADTVKGRFTISRDDPKNTLFL
QMTSLRSEDTAMYYCVRSIYYYGSSPFDFWGQGTTLTVSSGGGGSGGGGSGGGGSDIVMTQATSSVPVTPGESVSISCRS
SKSLLHSNGNTYLYWFLQRPGQSPQLLIYRMSNLASGVPDRFSGSGSGTAFTLTISRLEAEDVGVYYCMQHLEYPLTFGA
GTKLELLEENLYFQ
;
E
5 'polypeptide(L)'
;DYKDDDDHHHHHHHHGQPGNGSAFLLAPNGSHAPDHNVTQQRDEGGSGQPGNGSAFLLAPNGSHAPDHNVTQQRDEENLY
FQGVDMSMNNSKQLVSPAAALLSNTTCQTENRLSVFFSVIFMTVGILSNSLAIAILMKAYQRFRQKSKASFLLLASGLVI
TDFFGHLINGAIAVFVYASDKEWIRFDQSNVLCSIFGICMVFSGLCPLLLGSVMAIERCIGVTKPIFHSTKITSKHVKMM
LSGVCLFAVFIALLPILGHRDYKIQASRTWCFYNTEDIKDWEDRFYLLLFSFLGLLALGVSLLCNAITGITLLRVKFKSQ
QHRQGRSHHLEMVIQLLAIMCVSCICWSPFLVTMANIGINGNHSLETCETTLFALRMATWNQILDPWVYILLRKAVLKNL
YKLASQCCGVHVGSSGGGGSGGGGSSGAAAVFTLEDFVGDWEQTAAYNLDQVLEQGGVSSLLQNLAVSVTPIQRIVRSGE
NALKIDIHVIIPYEGLSADQMAQIEEVFKVVYPVDDHHFKVILPYGTLVIDGVTPNMLNYFGRPYEGIAVFDGKKITVTG
TLWNGNKIIDERLITPDGSMLFRVTINS
;
R
#
loop_
_chem_comp.id
_chem_comp.type
_chem_comp.name
_chem_comp.formula
UGU non-polymer '(Z)-7-[(1R,2R,3R,5S)-3,5-bis(oxidanyl)-2-[(E,3S)-3-oxidanyloct-1-enyl]cyclopentyl]hept-5-enoic acid' 'C20 H34 O5'
#
# COMPACT_ATOMS: atom_id res chain seq x y z
N VAL A 5 -4.05 -17.71 19.03
CA VAL A 5 -4.24 -17.90 17.60
C VAL A 5 -4.72 -19.32 17.33
N SER A 6 -5.94 -19.44 16.82
CA SER A 6 -6.59 -20.73 16.64
C SER A 6 -6.03 -21.44 15.41
N ALA A 7 -6.54 -22.66 15.18
CA ALA A 7 -6.06 -23.45 14.04
C ALA A 7 -6.45 -22.81 12.72
N GLU A 8 -7.63 -22.18 12.65
CA GLU A 8 -8.06 -21.53 11.42
C GLU A 8 -7.48 -20.14 11.28
N ASP A 9 -7.17 -19.47 12.39
CA ASP A 9 -6.47 -18.20 12.32
C ASP A 9 -5.09 -18.35 11.70
N LYS A 10 -4.38 -19.43 12.07
CA LYS A 10 -3.06 -19.68 11.48
C LYS A 10 -3.17 -19.94 9.99
N ALA A 11 -4.17 -20.73 9.58
CA ALA A 11 -4.33 -21.02 8.16
C ALA A 11 -4.77 -19.77 7.39
N ALA A 12 -5.52 -18.88 8.03
CA ALA A 12 -5.86 -17.61 7.40
C ALA A 12 -4.63 -16.72 7.28
N ALA A 13 -3.80 -16.66 8.33
CA ALA A 13 -2.59 -15.85 8.28
C ALA A 13 -1.58 -16.39 7.27
N GLU A 14 -1.54 -17.71 7.09
CA GLU A 14 -0.72 -18.29 6.04
C GLU A 14 -1.22 -17.88 4.66
N ARG A 15 -2.55 -17.80 4.50
CA ARG A 15 -3.13 -17.32 3.24
C ARG A 15 -2.74 -15.88 2.98
N SER A 16 -2.76 -15.05 4.03
CA SER A 16 -2.40 -13.64 3.88
C SER A 16 -0.96 -13.48 3.40
N LYS A 17 -0.04 -14.29 3.93
CA LYS A 17 1.36 -14.16 3.55
C LYS A 17 1.61 -14.66 2.13
N MET A 18 0.84 -15.66 1.68
CA MET A 18 0.91 -16.05 0.27
C MET A 18 0.40 -14.93 -0.63
N ILE A 19 -0.64 -14.21 -0.19
CA ILE A 19 -1.10 -13.03 -0.90
C ILE A 19 -0.03 -11.95 -0.89
N ASP A 20 0.62 -11.77 0.26
CA ASP A 20 1.73 -10.81 0.34
C ASP A 20 2.84 -11.17 -0.63
N LYS A 21 3.10 -12.46 -0.83
CA LYS A 21 4.15 -12.88 -1.76
C LYS A 21 3.80 -12.49 -3.19
N ASN A 22 2.55 -12.67 -3.60
CA ASN A 22 2.15 -12.34 -4.97
C ASN A 22 2.00 -10.84 -5.17
N LEU A 23 1.69 -10.09 -4.10
CA LEU A 23 1.67 -8.64 -4.20
C LEU A 23 3.05 -8.10 -4.50
N ARG A 24 4.07 -8.59 -3.80
CA ARG A 24 5.42 -8.08 -4.00
C ARG A 24 6.01 -8.55 -5.32
N GLU A 25 5.63 -9.74 -5.79
CA GLU A 25 6.09 -10.20 -7.09
C GLU A 25 5.52 -9.35 -8.22
N ASP A 26 4.24 -8.96 -8.10
CA ASP A 26 3.63 -8.13 -9.12
C ASP A 26 4.19 -6.71 -9.11
N GLY A 27 4.59 -6.21 -7.94
CA GLY A 27 5.22 -4.90 -7.90
C GLY A 27 6.58 -4.89 -8.57
N GLU A 28 7.34 -5.98 -8.43
CA GLU A 28 8.64 -6.07 -9.09
C GLU A 28 8.49 -6.08 -10.60
N LYS A 29 7.49 -6.82 -11.11
CA LYS A 29 7.23 -6.82 -12.55
C LYS A 29 6.73 -5.46 -13.01
N ALA A 30 5.99 -4.75 -12.16
CA ALA A 30 5.48 -3.43 -12.53
C ALA A 30 6.61 -2.42 -12.70
N ARG A 31 7.66 -2.53 -11.89
CA ARG A 31 8.78 -1.60 -11.95
C ARG A 31 9.75 -1.89 -13.08
N ARG A 32 9.57 -2.99 -13.82
CA ARG A 32 10.46 -3.30 -14.93
C ARG A 32 10.13 -2.50 -16.18
N THR A 33 9.04 -1.73 -16.18
CA THR A 33 8.69 -0.86 -17.29
C THR A 33 8.58 0.57 -16.79
N LEU A 34 8.95 1.52 -17.65
CA LEU A 34 8.84 2.94 -17.36
C LEU A 34 7.53 3.47 -17.92
N ARG A 35 6.78 4.19 -17.11
CA ARG A 35 5.45 4.68 -17.47
C ARG A 35 5.55 6.12 -17.97
N LEU A 36 5.00 6.35 -19.16
CA LEU A 36 5.01 7.67 -19.79
C LEU A 36 3.59 8.15 -19.98
N LEU A 37 3.33 9.40 -19.64
CA LEU A 37 2.04 10.04 -19.87
C LEU A 37 2.14 10.89 -21.12
N LEU A 38 1.32 10.59 -22.12
CA LEU A 38 1.34 11.29 -23.40
C LEU A 38 0.28 12.37 -23.41
N LEU A 39 0.68 13.61 -23.72
CA LEU A 39 -0.23 14.74 -23.77
C LEU A 39 0.03 15.55 -25.02
N GLY A 40 -0.98 16.30 -25.44
CA GLY A 40 -0.87 17.13 -26.63
C GLY A 40 -2.22 17.60 -27.07
N ALA A 41 -2.20 18.54 -28.01
CA ALA A 41 -3.43 19.11 -28.54
C ALA A 41 -3.97 18.23 -29.66
N ASP A 42 -5.05 18.70 -30.29
CA ASP A 42 -5.66 17.94 -31.38
C ASP A 42 -4.76 17.93 -32.61
N ASN A 43 -4.05 19.01 -32.88
CA ASN A 43 -3.19 19.14 -34.04
C ASN A 43 -1.74 18.76 -33.76
N SER A 44 -1.46 18.24 -32.57
CA SER A 44 -0.08 17.93 -32.20
C SER A 44 0.51 16.85 -33.10
N GLY A 45 -0.29 15.86 -33.47
CA GLY A 45 0.23 14.72 -34.20
C GLY A 45 0.95 13.71 -33.34
N LYS A 46 0.63 13.65 -32.04
CA LYS A 46 1.31 12.73 -31.13
C LYS A 46 1.06 11.27 -31.51
N SER A 47 -0.05 10.99 -32.19
CA SER A 47 -0.32 9.62 -32.62
C SER A 47 0.74 9.12 -33.60
N THR A 48 1.17 9.99 -34.53
CA THR A 48 2.21 9.59 -35.47
C THR A 48 3.52 9.31 -34.76
N ILE A 49 3.85 10.10 -33.73
CA ILE A 49 5.04 9.82 -32.93
C ILE A 49 4.92 8.46 -32.27
N VAL A 50 3.73 8.13 -31.77
CA VAL A 50 3.51 6.84 -31.13
C VAL A 50 3.65 5.71 -32.14
N LYS A 51 2.98 5.83 -33.29
CA LYS A 51 2.96 4.74 -34.27
C LYS A 51 4.36 4.47 -34.83
N GLN A 52 5.13 5.52 -35.09
CA GLN A 52 6.49 5.33 -35.59
C GLN A 52 7.36 4.63 -34.55
N MET A 53 7.23 5.02 -33.28
CA MET A 53 7.97 4.35 -32.23
C MET A 53 7.53 2.90 -32.07
N ARG A 54 6.23 2.64 -32.19
CA ARG A 54 5.70 1.29 -32.08
C ARG A 54 6.09 0.44 -33.29
N GLY A 68 -11.27 4.40 -22.33
CA GLY A 68 -10.89 5.66 -22.93
C GLY A 68 -9.40 5.96 -22.80
N ILE A 69 -8.61 4.91 -22.53
CA ILE A 69 -7.17 5.03 -22.39
C ILE A 69 -6.52 4.23 -23.50
N PHE A 70 -5.64 4.88 -24.26
CA PHE A 70 -4.88 4.22 -25.31
C PHE A 70 -3.46 4.02 -24.82
N GLU A 71 -2.99 2.77 -24.85
CA GLU A 71 -1.70 2.40 -24.29
C GLU A 71 -0.85 1.75 -25.38
N THR A 72 0.43 2.12 -25.41
CA THR A 72 1.37 1.60 -26.40
C THR A 72 2.64 1.17 -25.68
N LYS A 73 3.22 0.07 -26.14
CA LYS A 73 4.45 -0.47 -25.57
C LYS A 73 5.52 -0.53 -26.66
N PHE A 74 6.68 0.05 -26.37
CA PHE A 74 7.83 -0.03 -27.26
C PHE A 74 9.07 -0.26 -26.42
N GLN A 75 10.09 -0.83 -27.06
CA GLN A 75 11.31 -1.25 -26.39
C GLN A 75 12.52 -0.55 -26.99
N VAL A 76 13.35 0.04 -26.14
CA VAL A 76 14.59 0.70 -26.55
C VAL A 76 15.71 0.14 -25.71
N ASP A 77 16.66 -0.53 -26.37
CA ASP A 77 17.80 -1.17 -25.70
C ASP A 77 17.33 -2.11 -24.59
N LYS A 78 16.35 -2.95 -24.93
CA LYS A 78 15.81 -3.95 -24.02
C LYS A 78 15.18 -3.32 -22.78
N VAL A 79 14.72 -2.07 -22.90
CA VAL A 79 14.00 -1.38 -21.84
C VAL A 79 12.59 -1.11 -22.34
N ASN A 80 11.59 -1.52 -21.57
CA ASN A 80 10.20 -1.43 -21.98
C ASN A 80 9.57 -0.16 -21.46
N PHE A 81 8.90 0.57 -22.35
CA PHE A 81 8.20 1.80 -22.01
C PHE A 81 6.70 1.60 -22.18
N HIS A 82 5.93 2.10 -21.21
CA HIS A 82 4.47 2.04 -21.25
C HIS A 82 3.96 3.47 -21.36
N MET A 83 3.36 3.80 -22.50
CA MET A 83 2.92 5.15 -22.80
C MET A 83 1.40 5.18 -22.81
N PHE A 84 0.81 6.05 -22.00
CA PHE A 84 -0.64 6.14 -21.84
C PHE A 84 -1.15 7.39 -22.56
N ASP A 85 -2.07 7.19 -23.49
CA ASP A 85 -2.71 8.28 -24.23
C ASP A 85 -4.17 8.33 -23.80
N VAL A 86 -4.48 9.22 -22.86
CA VAL A 86 -5.82 9.33 -22.32
C VAL A 86 -6.71 10.05 -23.31
N GLY A 87 -7.83 9.43 -23.67
CA GLY A 87 -8.77 10.03 -24.59
C GLY A 87 -10.19 10.02 -24.07
N ARG A 93 -8.74 19.02 -16.97
CA ARG A 93 -8.23 17.70 -16.58
C ARG A 93 -7.50 17.78 -15.25
N ARG A 94 -7.85 18.79 -14.45
CA ARG A 94 -7.17 19.01 -13.18
C ARG A 94 -7.40 17.89 -12.18
N LYS A 95 -8.40 17.05 -12.40
CA LYS A 95 -8.75 15.99 -11.44
C LYS A 95 -8.10 14.66 -11.78
N TRP A 96 -8.32 14.14 -12.99
CA TRP A 96 -7.77 12.84 -13.34
C TRP A 96 -6.28 12.88 -13.64
N ILE A 97 -5.68 14.07 -13.74
CA ILE A 97 -4.24 14.16 -13.96
C ILE A 97 -3.47 13.69 -12.72
N GLN A 98 -4.11 13.72 -11.55
CA GLN A 98 -3.45 13.25 -10.33
C GLN A 98 -3.19 11.75 -10.35
N CYS A 99 -3.88 11.01 -11.22
CA CYS A 99 -3.61 9.58 -11.33
C CYS A 99 -2.20 9.31 -11.81
N PHE A 100 -1.69 10.14 -12.71
CA PHE A 100 -0.32 10.02 -13.20
C PHE A 100 0.64 10.88 -12.37
N ASN A 101 0.55 10.70 -11.05
CA ASN A 101 1.39 11.43 -10.11
C ASN A 101 2.78 10.81 -9.97
N ASP A 102 2.96 9.57 -10.43
CA ASP A 102 4.22 8.86 -10.24
C ASP A 102 4.70 8.23 -11.54
N VAL A 103 4.39 8.84 -12.68
CA VAL A 103 4.99 8.42 -13.93
C VAL A 103 6.41 8.95 -14.01
N THR A 104 7.21 8.33 -14.89
CA THR A 104 8.59 8.79 -15.06
C THR A 104 8.63 10.16 -15.73
N ALA A 105 7.88 10.32 -16.83
CA ALA A 105 7.92 11.55 -17.59
C ALA A 105 6.59 11.78 -18.28
N ILE A 106 6.31 13.04 -18.58
CA ILE A 106 5.16 13.44 -19.38
C ILE A 106 5.66 13.85 -20.75
N ILE A 107 5.08 13.27 -21.79
CA ILE A 107 5.44 13.57 -23.17
C ILE A 107 4.44 14.60 -23.68
N PHE A 108 4.83 15.87 -23.64
CA PHE A 108 3.99 16.97 -24.12
C PHE A 108 4.35 17.26 -25.56
N VAL A 109 3.42 17.02 -26.48
CA VAL A 109 3.66 17.18 -27.91
C VAL A 109 2.89 18.41 -28.38
N VAL A 110 3.57 19.29 -29.11
CA VAL A 110 2.97 20.50 -29.63
C VAL A 110 3.27 20.60 -31.12
N ASP A 111 2.44 21.39 -31.81
CA ASP A 111 2.64 21.71 -33.22
C ASP A 111 3.24 23.10 -33.30
N SER A 112 4.53 23.18 -33.64
CA SER A 112 5.21 24.46 -33.72
C SER A 112 4.87 25.24 -34.97
N SER A 113 4.39 24.57 -36.02
CA SER A 113 4.03 25.26 -37.25
C SER A 113 2.83 26.16 -37.05
N ASP A 114 1.85 25.71 -36.25
CA ASP A 114 0.62 26.45 -36.03
C ASP A 114 0.91 27.61 -35.08
N TYR A 115 1.16 28.80 -35.65
CA TYR A 115 1.41 29.97 -34.83
C TYR A 115 0.15 30.43 -34.11
N ASN A 116 -1.01 30.19 -34.69
CA ASN A 116 -2.27 30.64 -34.09
C ASN A 116 -2.52 29.94 -32.76
N ARG A 117 -2.21 28.65 -32.68
CA ARG A 117 -2.47 27.85 -31.48
C ARG A 117 -1.24 27.68 -30.60
N LEU A 118 -0.16 28.41 -30.88
CA LEU A 118 1.02 28.32 -30.01
C LEU A 118 0.73 28.83 -28.61
N GLN A 119 -0.05 29.92 -28.50
CA GLN A 119 -0.38 30.45 -27.18
C GLN A 119 -1.27 29.50 -26.40
N GLU A 120 -2.08 28.69 -27.10
CA GLU A 120 -2.82 27.64 -26.42
C GLU A 120 -1.88 26.63 -25.78
N ALA A 121 -0.84 26.22 -26.52
CA ALA A 121 0.11 25.25 -25.98
C ALA A 121 0.88 25.83 -24.80
N LEU A 122 1.28 27.11 -24.88
CA LEU A 122 2.03 27.73 -23.80
C LEU A 122 1.22 27.77 -22.51
N ASN A 123 -0.07 28.13 -22.60
CA ASN A 123 -0.92 28.12 -21.43
C ASN A 123 -1.22 26.69 -20.99
N ASP A 124 -1.37 25.78 -21.96
CA ASP A 124 -1.54 24.37 -21.62
C ASP A 124 -0.31 23.81 -20.92
N PHE A 125 0.89 24.18 -21.40
CA PHE A 125 2.11 23.73 -20.77
C PHE A 125 2.26 24.30 -19.36
N LYS A 126 1.86 25.56 -19.18
CA LYS A 126 2.04 26.20 -17.87
C LYS A 126 1.18 25.51 -16.81
N SER A 127 -0.05 25.13 -17.16
CA SER A 127 -0.93 24.47 -16.19
C SER A 127 -0.35 23.13 -15.78
N ILE A 128 0.19 22.37 -16.72
CA ILE A 128 0.82 21.09 -16.41
C ILE A 128 2.07 21.31 -15.56
N TRP A 129 2.90 22.28 -15.96
CA TRP A 129 4.15 22.50 -15.25
C TRP A 129 3.92 22.97 -13.82
N ASN A 130 2.96 23.87 -13.62
CA ASN A 130 2.67 24.41 -12.30
C ASN A 130 1.61 23.63 -11.55
N ASN A 131 1.27 22.44 -12.00
CA ASN A 131 0.32 21.60 -11.29
C ASN A 131 0.88 21.22 -9.92
N ARG A 132 0.02 21.25 -8.90
CA ARG A 132 0.47 20.99 -7.54
C ARG A 132 0.88 19.52 -7.35
N TRP A 133 0.26 18.61 -8.11
CA TRP A 133 0.55 17.20 -7.99
C TRP A 133 1.53 16.71 -9.05
N LEU A 134 2.13 17.63 -9.83
CA LEU A 134 3.16 17.29 -10.79
C LEU A 134 4.44 18.06 -10.52
N ARG A 135 4.68 18.41 -9.25
CA ARG A 135 5.84 19.23 -8.90
C ARG A 135 7.15 18.50 -9.10
N THR A 136 7.14 17.16 -9.15
CA THR A 136 8.35 16.36 -9.30
C THR A 136 8.38 15.57 -10.59
N ILE A 137 7.50 15.88 -11.55
CA ILE A 137 7.40 15.14 -12.80
C ILE A 137 8.06 15.96 -13.90
N SER A 138 9.03 15.35 -14.59
CA SER A 138 9.73 16.01 -15.68
C SER A 138 8.96 15.83 -16.98
N VAL A 139 8.98 16.86 -17.82
CA VAL A 139 8.24 16.89 -19.07
C VAL A 139 9.21 16.76 -20.22
N ILE A 140 8.93 15.83 -21.13
CA ILE A 140 9.70 15.65 -22.34
C ILE A 140 8.91 16.33 -23.46
N LEU A 141 9.28 17.57 -23.76
CA LEU A 141 8.55 18.36 -24.74
C LEU A 141 8.99 17.99 -26.16
N PHE A 142 8.02 17.67 -27.01
CA PHE A 142 8.27 17.32 -28.41
C PHE A 142 7.67 18.40 -29.29
N LEU A 143 8.52 19.31 -29.78
CA LEU A 143 8.10 20.37 -30.70
C LEU A 143 7.98 19.75 -32.09
N ASN A 144 6.83 19.12 -32.33
CA ASN A 144 6.62 18.31 -33.51
C ASN A 144 6.42 19.18 -34.75
N LYS A 145 6.49 18.53 -35.92
CA LYS A 145 6.23 19.15 -37.21
C LYS A 145 7.21 20.31 -37.48
N GLN A 146 8.49 19.95 -37.52
CA GLN A 146 9.51 20.93 -37.87
C GLN A 146 9.61 21.16 -39.38
N ASP A 147 9.27 20.14 -40.18
CA ASP A 147 9.26 20.33 -41.63
C ASP A 147 8.23 21.37 -42.03
N LEU A 148 7.05 21.34 -41.40
CA LEU A 148 6.04 22.36 -41.66
C LEU A 148 6.50 23.73 -41.18
N LEU A 149 7.19 23.78 -40.04
CA LEU A 149 7.69 25.06 -39.53
C LEU A 149 8.71 25.66 -40.47
N ALA A 150 9.62 24.84 -41.01
CA ALA A 150 10.63 25.36 -41.92
C ALA A 150 10.01 25.92 -43.19
N GLU A 151 9.03 25.23 -43.75
CA GLU A 151 8.36 25.71 -44.96
C GLU A 151 7.58 26.98 -44.69
N LYS A 152 6.94 27.07 -43.52
CA LYS A 152 6.13 28.25 -43.20
C LYS A 152 7.00 29.49 -43.07
N VAL A 153 8.18 29.36 -42.47
CA VAL A 153 9.08 30.50 -42.36
C VAL A 153 9.65 30.88 -43.73
N LEU A 154 9.97 29.89 -44.55
CA LEU A 154 10.51 30.17 -45.88
C LEU A 154 9.49 30.89 -46.75
N ALA A 155 8.23 30.49 -46.67
CA ALA A 155 7.19 31.13 -47.49
C ALA A 155 7.03 32.60 -47.13
N GLY A 156 7.04 32.92 -45.84
CA GLY A 156 6.92 34.29 -45.38
C GLY A 156 5.51 34.83 -45.37
N LYS A 157 4.50 34.01 -45.68
CA LYS A 157 3.12 34.49 -45.67
C LYS A 157 2.69 34.87 -44.25
N SER A 158 3.07 34.07 -43.27
CA SER A 158 2.72 34.30 -41.88
C SER A 158 3.96 34.69 -41.08
N LYS A 159 3.80 35.67 -40.19
CA LYS A 159 4.89 36.19 -39.39
C LYS A 159 4.64 35.87 -37.92
N ILE A 160 5.67 35.33 -37.26
CA ILE A 160 5.57 35.07 -35.83
C ILE A 160 5.43 36.37 -35.04
N GLU A 161 5.95 37.47 -35.59
CA GLU A 161 5.84 38.76 -34.90
C GLU A 161 4.40 39.22 -34.78
N ASP A 162 3.51 38.74 -35.65
CA ASP A 162 2.10 39.12 -35.56
C ASP A 162 1.49 38.65 -34.25
N TYR A 163 1.81 37.43 -33.83
CA TYR A 163 1.26 36.85 -32.61
C TYR A 163 2.14 37.14 -31.39
N PHE A 164 3.44 37.14 -31.57
CA PHE A 164 4.38 37.41 -30.47
C PHE A 164 5.17 38.68 -30.78
N PRO A 165 4.81 39.81 -30.14
CA PRO A 165 5.52 41.07 -30.46
C PRO A 165 7.00 41.04 -30.15
N GLU A 166 7.43 40.29 -29.14
CA GLU A 166 8.83 40.28 -28.74
C GLU A 166 9.72 39.53 -29.72
N PHE A 167 9.16 38.83 -30.71
CA PHE A 167 9.99 38.12 -31.68
C PHE A 167 10.75 39.07 -32.59
N ALA A 168 10.27 40.30 -32.77
CA ALA A 168 10.98 41.25 -33.62
C ALA A 168 12.32 41.65 -33.00
N ARG A 169 12.38 41.75 -31.68
CA ARG A 169 13.60 42.15 -30.97
C ARG A 169 14.39 40.95 -30.46
N TYR A 170 14.03 39.74 -30.88
CA TYR A 170 14.72 38.53 -30.45
C TYR A 170 15.79 38.16 -31.48
N THR A 171 17.00 37.91 -31.00
CA THR A 171 18.12 37.52 -31.84
C THR A 171 18.66 36.17 -31.38
N THR A 172 19.09 35.35 -32.33
CA THR A 172 19.62 34.04 -32.00
C THR A 172 20.89 34.18 -31.19
N PRO A 173 21.02 33.48 -30.06
CA PRO A 173 22.24 33.59 -29.25
C PRO A 173 23.46 33.09 -30.01
N GLU A 174 24.62 33.68 -29.70
CA GLU A 174 25.86 33.28 -30.35
C GLU A 174 26.28 31.86 -30.00
N ASP A 175 25.74 31.29 -28.92
CA ASP A 175 26.06 29.94 -28.51
C ASP A 175 25.18 28.89 -29.18
N ALA A 176 24.29 29.31 -30.08
CA ALA A 176 23.41 28.37 -30.76
C ALA A 176 24.20 27.42 -31.66
N THR A 177 23.67 26.22 -31.84
CA THR A 177 24.27 25.20 -32.68
C THR A 177 23.21 24.67 -33.65
N PRO A 178 22.90 25.44 -34.70
CA PRO A 178 21.91 24.96 -35.68
C PRO A 178 22.43 23.78 -36.47
N GLU A 179 21.50 22.98 -36.97
CA GLU A 179 21.86 21.83 -37.78
C GLU A 179 22.48 22.29 -39.10
N PRO A 180 23.39 21.49 -39.67
CA PRO A 180 24.01 21.87 -40.94
C PRO A 180 22.98 22.01 -42.05
N GLY A 181 23.20 22.99 -42.92
CA GLY A 181 22.28 23.23 -44.02
C GLY A 181 20.91 23.71 -43.61
N GLU A 182 20.84 24.53 -42.55
CA GLU A 182 19.57 25.05 -42.05
C GLU A 182 19.57 26.56 -42.20
N ASP A 183 18.47 27.09 -42.73
CA ASP A 183 18.37 28.52 -42.95
C ASP A 183 18.40 29.26 -41.62
N PRO A 184 19.13 30.38 -41.52
CA PRO A 184 19.13 31.15 -40.27
C PRO A 184 17.76 31.63 -39.84
N ARG A 185 16.86 31.89 -40.79
CA ARG A 185 15.50 32.26 -40.43
C ARG A 185 14.79 31.13 -39.71
N VAL A 186 14.99 29.89 -40.17
CA VAL A 186 14.40 28.74 -39.49
C VAL A 186 14.99 28.58 -38.09
N THR A 187 16.31 28.73 -37.97
CA THR A 187 16.96 28.60 -36.67
C THR A 187 16.45 29.65 -35.68
N ARG A 188 16.31 30.90 -36.16
CA ARG A 188 15.80 31.95 -35.29
C ARG A 188 14.38 31.67 -34.82
N ALA A 189 13.53 31.15 -35.72
CA ALA A 189 12.17 30.80 -35.34
C ALA A 189 12.15 29.64 -34.35
N LYS A 190 12.95 28.61 -34.61
CA LYS A 190 12.96 27.44 -33.73
C LYS A 190 13.43 27.80 -32.32
N TYR A 191 14.48 28.62 -32.22
CA TYR A 191 15.01 28.98 -30.91
C TYR A 191 14.04 29.87 -30.13
N PHE A 192 13.23 30.67 -30.82
CA PHE A 192 12.24 31.48 -30.13
C PHE A 192 11.07 30.64 -29.64
N ILE A 193 10.61 29.71 -30.48
CA ILE A 193 9.53 28.82 -30.07
C ILE A 193 9.96 27.97 -28.88
N ARG A 194 11.18 27.43 -28.94
CA ARG A 194 11.69 26.64 -27.83
C ARG A 194 11.86 27.49 -26.57
N LYS A 195 12.32 28.73 -26.73
CA LYS A 195 12.57 29.58 -25.57
C LYS A 195 11.29 29.89 -24.80
N GLU A 196 10.17 30.01 -25.51
CA GLU A 196 8.91 30.31 -24.83
C GLU A 196 8.51 29.22 -23.86
N PHE A 197 8.68 27.96 -24.26
CA PHE A 197 8.39 26.84 -23.36
C PHE A 197 9.40 26.75 -22.23
N VAL A 198 10.69 26.94 -22.56
CA VAL A 198 11.74 26.82 -21.54
C VAL A 198 11.62 27.93 -20.52
N ASP A 199 11.21 29.12 -20.95
CA ASP A 199 11.04 30.24 -20.02
C ASP A 199 9.98 29.92 -18.97
N ILE A 200 8.93 29.21 -19.37
CA ILE A 200 7.93 28.75 -18.41
C ILE A 200 8.54 27.73 -17.45
N SER A 201 9.34 26.81 -17.97
CA SER A 201 9.91 25.75 -17.15
C SER A 201 10.85 26.31 -16.08
N THR A 202 11.69 27.28 -16.46
CA THR A 202 12.63 27.86 -15.52
C THR A 202 12.02 28.94 -14.65
N ALA A 203 10.77 29.32 -14.91
CA ALA A 203 10.13 30.35 -14.08
C ALA A 203 9.84 29.83 -12.68
N SER A 204 9.66 28.53 -12.51
CA SER A 204 9.40 27.95 -11.20
C SER A 204 9.80 26.48 -11.22
N GLY A 205 9.95 25.91 -10.02
CA GLY A 205 10.34 24.52 -9.90
C GLY A 205 11.57 24.31 -9.04
N ASP A 206 12.55 25.19 -9.16
CA ASP A 206 13.79 25.13 -8.37
C ASP A 206 14.49 23.79 -8.53
N GLY A 207 14.48 23.25 -9.74
CA GLY A 207 15.18 22.02 -10.04
C GLY A 207 14.47 20.74 -9.66
N ARG A 208 13.24 20.81 -9.14
CA ARG A 208 12.52 19.60 -8.78
C ARG A 208 12.13 18.79 -10.02
N HIS A 209 11.95 19.47 -11.16
CA HIS A 209 11.67 18.79 -12.42
C HIS A 209 12.24 19.63 -13.56
N ILE A 210 12.53 18.97 -14.67
CA ILE A 210 13.24 19.56 -15.80
C ILE A 210 12.46 19.28 -17.08
N CYS A 211 12.40 20.26 -17.97
CA CYS A 211 11.84 20.06 -19.30
C CYS A 211 12.95 19.69 -20.28
N TYR A 212 12.61 18.84 -21.24
CA TYR A 212 13.55 18.32 -22.23
C TYR A 212 13.00 18.58 -23.62
N PRO A 213 13.15 19.81 -24.13
CA PRO A 213 12.63 20.12 -25.45
C PRO A 213 13.38 19.40 -26.56
N HIS A 214 12.65 19.04 -27.61
CA HIS A 214 13.23 18.40 -28.78
C HIS A 214 12.44 18.83 -30.01
N PHE A 215 13.11 18.82 -31.15
CA PHE A 215 12.50 19.18 -32.43
C PHE A 215 12.35 17.92 -33.27
N THR A 216 11.12 17.49 -33.49
CA THR A 216 10.82 16.29 -34.25
C THR A 216 9.99 16.65 -35.47
N CYS A 217 9.87 15.69 -36.38
CA CYS A 217 9.03 15.84 -37.57
C CYS A 217 8.14 14.62 -37.70
N ALA A 218 7.37 14.58 -38.79
CA ALA A 218 6.42 13.50 -39.01
C ALA A 218 7.07 12.22 -39.53
N VAL A 219 8.36 12.26 -39.87
CA VAL A 219 9.07 11.09 -40.37
C VAL A 219 10.29 10.75 -39.52
N ASP A 220 10.53 11.46 -38.43
CA ASP A 220 11.68 11.19 -37.59
C ASP A 220 11.55 9.84 -36.90
N THR A 221 12.64 9.08 -36.87
CA THR A 221 12.67 7.76 -36.27
C THR A 221 13.50 7.70 -35.00
N GLU A 222 13.95 8.85 -34.50
CA GLU A 222 14.77 8.90 -33.30
C GLU A 222 13.98 9.35 -32.07
N ASN A 223 12.65 9.40 -32.17
CA ASN A 223 11.85 9.87 -31.04
C ASN A 223 11.95 8.91 -29.85
N ALA A 224 11.94 7.60 -30.12
CA ALA A 224 12.03 6.62 -29.04
C ALA A 224 13.35 6.73 -28.31
N ARG A 225 14.46 6.90 -29.04
CA ARG A 225 15.77 6.99 -28.39
C ARG A 225 15.92 8.30 -27.62
N ARG A 226 15.29 9.37 -28.08
CA ARG A 226 15.32 10.63 -27.33
C ARG A 226 14.63 10.49 -25.98
N ILE A 227 13.51 9.76 -25.95
CA ILE A 227 12.84 9.50 -24.68
C ILE A 227 13.72 8.67 -23.77
N PHE A 228 14.39 7.65 -24.33
CA PHE A 228 15.26 6.79 -23.54
C PHE A 228 16.41 7.58 -22.92
N ASN A 229 17.04 8.46 -23.70
CA ASN A 229 18.13 9.27 -23.18
C ASN A 229 17.64 10.28 -22.16
N ASP A 230 16.46 10.85 -22.38
CA ASP A 230 15.90 11.80 -21.43
C ASP A 230 15.42 11.12 -20.16
N CYS A 231 14.90 9.90 -20.27
CA CYS A 231 14.47 9.16 -19.08
C CYS A 231 15.64 8.83 -18.17
N LYS A 232 16.80 8.53 -18.76
CA LYS A 232 17.99 8.27 -17.95
C LYS A 232 18.35 9.48 -17.10
N ASP A 233 18.25 10.68 -17.67
CA ASP A 233 18.55 11.88 -16.89
C ASP A 233 17.48 12.14 -15.84
N ILE A 234 16.23 11.80 -16.14
CA ILE A 234 15.14 11.98 -15.17
C ILE A 234 15.36 11.06 -13.97
N ILE A 235 15.71 9.80 -14.23
CA ILE A 235 15.98 8.86 -13.15
C ILE A 235 17.26 9.23 -12.41
N LEU A 236 18.28 9.67 -13.15
CA LEU A 236 19.53 10.08 -12.51
C LEU A 236 19.32 11.25 -11.56
N GLN A 237 18.53 12.24 -11.98
CA GLN A 237 18.20 13.34 -11.08
C GLN A 237 17.41 12.87 -9.88
N MET A 238 16.56 11.86 -10.06
CA MET A 238 15.82 11.29 -8.93
C MET A 238 16.76 10.66 -7.92
N ASN A 239 17.76 9.90 -8.39
CA ASN A 239 18.73 9.30 -7.49
C ASN A 239 19.55 10.35 -6.77
N LEU A 240 19.96 11.41 -7.47
CA LEU A 240 20.79 12.44 -6.85
C LEU A 240 20.05 13.14 -5.72
N ARG A 241 18.73 13.29 -5.81
CA ARG A 241 17.98 13.84 -4.70
C ARG A 241 17.99 12.89 -3.51
N GLU A 242 17.83 11.59 -3.76
CA GLU A 242 17.88 10.61 -2.69
C GLU A 242 19.26 10.58 -2.02
N TYR A 243 20.31 10.58 -2.83
CA TYR A 243 21.66 10.51 -2.28
C TYR A 243 22.04 11.76 -1.51
N ASN A 244 21.44 12.90 -1.85
CA ASN A 244 21.82 14.18 -1.26
C ASN A 244 20.79 14.73 -0.28
N LEU A 245 19.51 14.71 -0.63
CA LEU A 245 18.52 15.34 0.24
C LEU A 245 18.12 14.41 1.38
N VAL A 246 19.11 13.90 2.11
CA VAL A 246 18.84 12.98 3.21
C VAL A 246 18.32 13.76 4.40
N SER B 12 -34.25 37.11 -28.10
CA SER B 12 -35.55 37.55 -27.62
C SER B 12 -36.11 36.58 -26.57
N GLU B 13 -36.55 35.41 -27.04
CA GLU B 13 -37.08 34.41 -26.11
C GLU B 13 -36.00 33.91 -25.16
N LEU B 14 -34.79 33.67 -25.68
CA LEU B 14 -33.69 33.23 -24.82
C LEU B 14 -33.31 34.31 -23.82
N ASP B 15 -33.29 35.57 -24.26
CA ASP B 15 -32.96 36.67 -23.36
C ASP B 15 -34.00 36.80 -22.25
N GLN B 16 -35.28 36.65 -22.58
CA GLN B 16 -36.32 36.72 -21.56
C GLN B 16 -36.21 35.57 -20.58
N LEU B 17 -35.93 34.36 -21.07
CA LEU B 17 -35.89 33.20 -20.20
C LEU B 17 -34.73 33.28 -19.21
N ARG B 18 -33.56 33.71 -19.67
CA ARG B 18 -32.41 33.78 -18.76
C ARG B 18 -32.59 34.83 -17.68
N GLN B 19 -33.42 35.85 -17.92
CA GLN B 19 -33.74 36.81 -16.86
C GLN B 19 -34.67 36.18 -15.82
N GLU B 20 -35.59 35.32 -16.25
CA GLU B 20 -36.47 34.63 -15.32
C GLU B 20 -35.69 33.70 -14.41
N ALA B 21 -34.68 33.02 -14.95
CA ALA B 21 -33.84 32.15 -14.13
C ALA B 21 -33.12 32.95 -13.05
N GLU B 22 -32.63 34.15 -13.39
CA GLU B 22 -32.01 35.01 -12.39
C GLU B 22 -33.02 35.41 -11.32
N GLN B 23 -34.26 35.70 -11.72
CA GLN B 23 -35.30 36.00 -10.75
C GLN B 23 -35.58 34.82 -9.84
N LEU B 24 -35.59 33.60 -10.41
CA LEU B 24 -35.81 32.41 -9.59
C LEU B 24 -34.67 32.21 -8.60
N LYS B 25 -33.43 32.49 -9.02
CA LYS B 25 -32.30 32.42 -8.11
C LYS B 25 -32.46 33.40 -6.96
N ASN B 26 -32.93 34.61 -7.26
CA ASN B 26 -33.23 35.58 -6.20
C ASN B 26 -34.38 35.09 -5.33
N GLN B 27 -35.39 34.46 -5.92
CA GLN B 27 -36.50 33.93 -5.14
C GLN B 27 -36.03 32.86 -4.17
N ILE B 28 -35.18 31.94 -4.62
CA ILE B 28 -34.64 30.92 -3.74
C ILE B 28 -33.75 31.56 -2.68
N ARG B 29 -32.90 32.50 -3.08
CA ARG B 29 -31.98 33.13 -2.14
C ARG B 29 -32.72 33.90 -1.06
N ASP B 30 -33.79 34.61 -1.44
CA ASP B 30 -34.56 35.35 -0.45
C ASP B 30 -35.29 34.41 0.51
N ALA B 31 -35.76 33.27 0.01
CA ALA B 31 -36.46 32.32 0.86
C ALA B 31 -35.54 31.75 1.93
N ARG B 32 -34.29 31.45 1.55
CA ARG B 32 -33.34 30.92 2.53
C ARG B 32 -33.04 31.93 3.63
N LYS B 33 -32.91 33.21 3.27
CA LYS B 33 -32.67 34.23 4.27
C LYS B 33 -33.88 34.42 5.18
N ALA B 34 -35.09 34.18 4.66
CA ALA B 34 -36.29 34.31 5.47
C ALA B 34 -36.31 33.30 6.61
N CYS B 35 -35.90 32.06 6.33
CA CYS B 35 -35.87 31.00 7.34
C CYS B 35 -34.56 30.96 8.11
N ALA B 36 -33.60 31.82 7.78
CA ALA B 36 -32.32 31.86 8.49
C ALA B 36 -32.42 32.79 9.71
N ASP B 37 -33.35 32.44 10.60
CA ASP B 37 -33.59 33.27 11.79
C ASP B 37 -32.38 33.30 12.71
N ALA B 38 -31.73 32.17 12.92
CA ALA B 38 -30.61 32.06 13.84
C ALA B 38 -29.46 31.32 13.16
N THR B 39 -28.39 31.10 13.92
CA THR B 39 -27.20 30.42 13.44
C THR B 39 -26.88 29.25 14.37
N LEU B 40 -26.32 28.19 13.78
CA LEU B 40 -25.97 27.00 14.55
C LEU B 40 -24.99 27.34 15.68
N SER B 41 -24.08 28.28 15.43
CA SER B 41 -23.14 28.69 16.47
C SER B 41 -23.87 29.33 17.64
N GLN B 42 -24.88 30.15 17.37
CA GLN B 42 -25.67 30.74 18.44
C GLN B 42 -26.46 29.68 19.19
N ILE B 43 -27.05 28.72 18.46
CA ILE B 43 -27.85 27.68 19.10
C ILE B 43 -26.98 26.78 19.96
N THR B 44 -25.82 26.37 19.44
CA THR B 44 -24.95 25.40 20.11
C THR B 44 -23.85 26.06 20.92
N ASN B 45 -23.99 27.35 21.24
CA ASN B 45 -22.97 28.00 22.07
C ASN B 45 -23.05 27.54 23.51
N ASN B 46 -24.22 27.08 23.96
CA ASN B 46 -24.41 26.71 25.35
C ASN B 46 -23.80 25.35 25.69
N ILE B 47 -23.81 24.41 24.74
CA ILE B 47 -23.37 23.05 25.03
C ILE B 47 -21.88 23.04 25.33
N ASP B 48 -21.47 22.09 26.17
CA ASP B 48 -20.08 21.98 26.57
C ASP B 48 -19.23 21.47 25.40
N PRO B 49 -17.97 21.90 25.31
CA PRO B 49 -17.08 21.36 24.27
C PRO B 49 -16.72 19.91 24.54
N VAL B 50 -16.38 19.20 23.46
CA VAL B 50 -16.03 17.78 23.57
C VAL B 50 -14.65 17.54 24.14
N GLY B 51 -13.87 18.59 24.36
CA GLY B 51 -12.51 18.42 24.83
C GLY B 51 -11.57 18.02 23.71
N ARG B 52 -10.43 17.45 24.11
CA ARG B 52 -9.41 17.02 23.16
C ARG B 52 -9.65 15.56 22.77
N ILE B 53 -9.77 15.31 21.47
CA ILE B 53 -10.01 13.96 20.96
C ILE B 53 -8.67 13.35 20.60
N GLN B 54 -8.24 12.37 21.39
CA GLN B 54 -6.94 11.70 21.20
C GLN B 54 -7.20 10.30 20.66
N MET B 55 -6.82 10.07 19.41
CA MET B 55 -6.95 8.77 18.76
C MET B 55 -5.57 8.24 18.41
N ARG B 56 -5.30 7.00 18.77
CA ARG B 56 -4.03 6.34 18.49
C ARG B 56 -4.19 5.38 17.32
N THR B 57 -3.10 5.18 16.59
CA THR B 57 -3.08 4.25 15.46
C THR B 57 -3.05 2.83 16.01
N ARG B 58 -4.21 2.16 16.02
CA ARG B 58 -4.28 0.79 16.51
C ARG B 58 -3.69 -0.21 15.53
N ARG B 59 -3.98 -0.04 14.25
CA ARG B 59 -3.49 -0.94 13.21
C ARG B 59 -2.86 -0.11 12.09
N THR B 60 -1.93 -0.75 11.38
CA THR B 60 -1.37 -0.19 10.15
C THR B 60 -1.43 -1.27 9.08
N LEU B 61 -2.16 -1.00 8.01
CA LEU B 61 -2.39 -1.98 6.95
C LEU B 61 -1.37 -1.75 5.85
N ARG B 62 -0.44 -2.69 5.70
CA ARG B 62 0.63 -2.60 4.72
C ARG B 62 0.45 -3.69 3.67
N GLY B 63 0.85 -3.39 2.44
CA GLY B 63 0.70 -4.34 1.36
C GLY B 63 0.37 -3.73 0.02
N HIS B 64 -0.07 -2.48 0.02
CA HIS B 64 -0.30 -1.77 -1.23
C HIS B 64 1.00 -1.18 -1.75
N LEU B 65 1.22 -1.31 -3.06
CA LEU B 65 2.46 -0.88 -3.68
C LEU B 65 2.28 0.36 -4.55
N ALA B 66 1.25 1.16 -4.28
CA ALA B 66 1.04 2.43 -4.98
C ALA B 66 0.11 3.28 -4.12
N LYS B 67 -0.25 4.45 -4.64
CA LYS B 67 -1.14 5.35 -3.92
C LYS B 67 -2.49 4.70 -3.70
N ILE B 68 -3.02 4.83 -2.48
CA ILE B 68 -4.34 4.31 -2.15
C ILE B 68 -5.36 5.40 -2.45
N TYR B 69 -6.31 5.09 -3.34
CA TYR B 69 -7.29 6.07 -3.79
C TYR B 69 -8.55 6.07 -2.94
N ALA B 70 -9.09 4.91 -2.59
CA ALA B 70 -10.34 4.84 -1.87
C ALA B 70 -10.37 3.63 -0.94
N MET B 71 -11.11 3.77 0.15
CA MET B 71 -11.39 2.67 1.06
C MET B 71 -12.86 2.73 1.46
N HIS B 72 -13.43 1.57 1.77
CA HIS B 72 -14.81 1.49 2.22
C HIS B 72 -14.95 0.38 3.24
N TRP B 73 -15.50 0.71 4.40
CA TRP B 73 -15.74 -0.29 5.44
C TRP B 73 -16.88 -1.21 5.05
N GLY B 74 -16.79 -2.45 5.52
CA GLY B 74 -17.93 -3.34 5.47
C GLY B 74 -18.91 -3.06 6.58
N THR B 75 -20.14 -3.55 6.41
CA THR B 75 -21.18 -3.30 7.39
C THR B 75 -20.96 -4.07 8.69
N ASP B 76 -20.07 -5.06 8.71
CA ASP B 76 -19.74 -5.78 9.92
C ASP B 76 -18.68 -5.06 10.76
N SER B 77 -18.17 -3.92 10.29
CA SER B 77 -17.21 -3.10 11.01
C SER B 77 -15.87 -3.82 11.21
N ARG B 78 -15.63 -4.89 10.48
CA ARG B 78 -14.38 -5.63 10.56
C ARG B 78 -13.67 -5.75 9.22
N LEU B 79 -14.41 -6.01 8.15
CA LEU B 79 -13.82 -6.10 6.82
C LEU B 79 -13.87 -4.74 6.13
N LEU B 80 -12.86 -4.49 5.29
CA LEU B 80 -12.83 -3.28 4.49
C LEU B 80 -12.13 -3.60 3.17
N VAL B 81 -12.42 -2.78 2.17
CA VAL B 81 -11.80 -2.90 0.85
C VAL B 81 -11.06 -1.60 0.56
N SER B 82 -9.87 -1.70 0.01
CA SER B 82 -9.08 -0.56 -0.38
C SER B 82 -8.70 -0.69 -1.84
N ALA B 83 -8.60 0.45 -2.52
CA ALA B 83 -8.24 0.49 -3.94
C ALA B 83 -6.98 1.30 -4.11
N SER B 84 -6.00 0.72 -4.80
CA SER B 84 -4.73 1.38 -5.05
C SER B 84 -4.42 1.31 -6.54
N GLN B 85 -3.64 2.28 -7.02
CA GLN B 85 -3.31 2.38 -8.42
C GLN B 85 -2.21 1.42 -8.86
N ASP B 86 -1.91 0.42 -8.03
CA ASP B 86 -1.08 -0.70 -8.45
C ASP B 86 -1.89 -1.79 -9.13
N GLY B 87 -3.20 -1.58 -9.32
CA GLY B 87 -4.06 -2.57 -9.93
C GLY B 87 -4.56 -3.62 -8.99
N LYS B 88 -4.58 -3.35 -7.69
CA LYS B 88 -4.99 -4.32 -6.68
C LYS B 88 -6.17 -3.79 -5.89
N LEU B 89 -7.21 -4.60 -5.81
CA LEU B 89 -8.34 -4.36 -4.89
C LEU B 89 -8.19 -5.37 -3.77
N ILE B 90 -7.87 -4.89 -2.57
CA ILE B 90 -7.49 -5.75 -1.44
C ILE B 90 -8.55 -5.64 -0.36
N ILE B 91 -9.05 -6.78 0.09
CA ILE B 91 -10.00 -6.85 1.20
C ILE B 91 -9.23 -7.22 2.46
N TRP B 92 -9.40 -6.44 3.52
CA TRP B 92 -8.62 -6.58 4.73
C TRP B 92 -9.50 -7.09 5.87
N ASP B 93 -8.88 -7.82 6.79
CA ASP B 93 -9.45 -8.12 8.10
C ASP B 93 -8.80 -7.14 9.08
N SER B 94 -9.53 -6.09 9.43
CA SER B 94 -8.91 -5.00 10.19
C SER B 94 -8.51 -5.43 11.59
N TYR B 95 -9.18 -6.43 12.15
CA TYR B 95 -8.84 -6.89 13.50
C TYR B 95 -7.47 -7.57 13.52
N THR B 96 -7.18 -8.40 12.53
CA THR B 96 -5.95 -9.17 12.50
C THR B 96 -5.00 -8.74 11.39
N THR B 97 -5.33 -7.70 10.64
CA THR B 97 -4.53 -7.16 9.53
C THR B 97 -4.30 -8.18 8.42
N ASN B 98 -5.03 -9.29 8.42
CA ASN B 98 -4.89 -10.28 7.36
C ASN B 98 -5.55 -9.81 6.08
N LYS B 99 -5.01 -10.25 4.95
CA LYS B 99 -5.56 -9.94 3.64
C LYS B 99 -6.48 -11.08 3.22
N VAL B 100 -7.78 -10.84 3.25
CA VAL B 100 -8.75 -11.87 2.90
C VAL B 100 -8.70 -12.16 1.40
N HIS B 101 -8.68 -11.11 0.58
CA HIS B 101 -8.68 -11.26 -0.86
C HIS B 101 -7.75 -10.24 -1.48
N ALA B 102 -7.25 -10.57 -2.68
CA ALA B 102 -6.47 -9.67 -3.50
C ALA B 102 -7.00 -9.76 -4.93
N ILE B 103 -7.69 -8.72 -5.38
CA ILE B 103 -8.39 -8.73 -6.65
C ILE B 103 -7.54 -7.96 -7.66
N PRO B 104 -6.98 -8.60 -8.68
CA PRO B 104 -6.26 -7.86 -9.73
C PRO B 104 -7.23 -7.22 -10.71
N LEU B 105 -7.06 -5.93 -10.94
CA LEU B 105 -7.96 -5.17 -11.80
C LEU B 105 -7.42 -5.12 -13.22
N ARG B 106 -8.35 -5.12 -14.18
CA ARG B 106 -7.96 -5.05 -15.59
C ARG B 106 -7.33 -3.70 -15.91
N SER B 107 -7.88 -2.62 -15.36
CA SER B 107 -7.31 -1.28 -15.49
C SER B 107 -6.83 -0.82 -14.12
N SER B 108 -5.58 -0.34 -14.07
CA SER B 108 -4.95 -0.01 -12.80
C SER B 108 -5.31 1.38 -12.29
N TRP B 109 -5.99 2.20 -13.10
CA TRP B 109 -6.28 3.58 -12.70
C TRP B 109 -7.61 3.67 -11.95
N VAL B 110 -7.75 2.85 -10.91
CA VAL B 110 -8.97 2.81 -10.12
C VAL B 110 -9.05 4.04 -9.22
N MET B 111 -10.23 4.64 -9.14
CA MET B 111 -10.42 5.86 -8.36
C MET B 111 -11.42 5.72 -7.23
N THR B 112 -12.18 4.63 -7.16
CA THR B 112 -13.15 4.44 -6.10
C THR B 112 -13.37 2.96 -5.86
N CYS B 113 -13.86 2.64 -4.67
CA CYS B 113 -14.17 1.27 -4.30
C CYS B 113 -15.40 1.26 -3.41
N ALA B 114 -16.23 0.23 -3.56
CA ALA B 114 -17.45 0.09 -2.79
C ALA B 114 -17.55 -1.34 -2.24
N TYR B 115 -18.08 -1.45 -1.03
CA TYR B 115 -18.34 -2.74 -0.39
C TYR B 115 -19.84 -2.89 -0.26
N ALA B 116 -20.38 -3.99 -0.78
CA ALA B 116 -21.81 -4.21 -0.70
C ALA B 116 -22.23 -4.39 0.75
N PRO B 117 -23.36 -3.80 1.16
CA PRO B 117 -23.80 -3.96 2.56
C PRO B 117 -24.07 -5.41 2.94
N SER B 118 -24.41 -6.27 1.97
CA SER B 118 -24.53 -7.69 2.23
C SER B 118 -23.18 -8.37 2.39
N GLY B 119 -22.12 -7.80 1.82
CA GLY B 119 -20.80 -8.39 1.86
C GLY B 119 -20.48 -9.36 0.75
N ASN B 120 -21.39 -9.56 -0.21
CA ASN B 120 -21.18 -10.53 -1.27
C ASN B 120 -20.47 -9.95 -2.48
N TYR B 121 -20.37 -8.63 -2.60
CA TYR B 121 -19.79 -8.00 -3.77
C TYR B 121 -18.95 -6.81 -3.38
N VAL B 122 -17.98 -6.48 -4.24
CA VAL B 122 -17.25 -5.23 -4.19
C VAL B 122 -17.28 -4.62 -5.58
N ALA B 123 -17.18 -3.30 -5.64
CA ALA B 123 -17.19 -2.57 -6.90
C ALA B 123 -16.02 -1.60 -6.93
N CYS B 124 -15.51 -1.36 -8.14
CA CYS B 124 -14.42 -0.42 -8.34
C CYS B 124 -14.54 0.18 -9.72
N GLY B 125 -13.93 1.35 -9.89
CA GLY B 125 -13.93 2.01 -11.18
C GLY B 125 -13.03 3.22 -11.22
N GLY B 126 -12.44 3.50 -12.38
CA GLY B 126 -11.55 4.61 -12.53
C GLY B 126 -11.59 5.26 -13.91
N LEU B 127 -10.41 5.46 -14.49
CA LEU B 127 -10.28 6.10 -15.80
C LEU B 127 -10.78 5.24 -16.95
N ASP B 128 -11.12 3.98 -16.70
CA ASP B 128 -11.63 3.12 -17.77
C ASP B 128 -13.13 3.29 -18.01
N ASN B 129 -13.79 4.15 -17.23
CA ASN B 129 -15.21 4.45 -17.38
C ASN B 129 -16.09 3.22 -17.19
N ILE B 130 -15.61 2.25 -16.41
CA ILE B 130 -16.34 1.02 -16.13
C ILE B 130 -16.44 0.86 -14.62
N CYS B 131 -17.64 0.53 -14.14
CA CYS B 131 -17.84 0.15 -12.74
C CYS B 131 -17.96 -1.37 -12.69
N SER B 132 -16.84 -2.03 -12.37
CA SER B 132 -16.80 -3.48 -12.37
C SER B 132 -17.33 -4.03 -11.04
N ILE B 133 -18.12 -5.09 -11.14
CA ILE B 133 -18.69 -5.76 -9.97
C ILE B 133 -18.01 -7.10 -9.81
N TYR B 134 -17.49 -7.38 -8.61
CA TYR B 134 -16.77 -8.60 -8.31
C TYR B 134 -17.55 -9.43 -7.30
N ASN B 135 -17.70 -10.72 -7.59
CA ASN B 135 -18.43 -11.64 -6.73
C ASN B 135 -17.45 -12.27 -5.73
N LEU B 136 -17.64 -11.98 -4.45
CA LEU B 136 -16.76 -12.49 -3.40
C LEU B 136 -17.15 -13.88 -2.91
N LYS B 137 -18.35 -14.35 -3.22
CA LYS B 137 -18.86 -15.64 -2.73
C LYS B 137 -19.12 -16.54 -3.94
N THR B 138 -18.08 -17.25 -4.38
CA THR B 138 -18.18 -18.15 -5.51
C THR B 138 -17.86 -19.57 -5.06
N ARG B 139 -18.43 -20.55 -5.77
CA ARG B 139 -18.14 -21.95 -5.48
C ARG B 139 -16.74 -22.35 -5.91
N GLU B 140 -16.11 -21.60 -6.80
CA GLU B 140 -14.76 -21.91 -7.26
C GLU B 140 -13.68 -21.41 -6.32
N GLY B 141 -14.05 -20.69 -5.26
CA GLY B 141 -13.08 -20.23 -4.29
C GLY B 141 -12.28 -19.00 -4.69
N ASN B 142 -12.60 -18.38 -5.82
CA ASN B 142 -11.90 -17.19 -6.28
C ASN B 142 -12.89 -16.08 -6.53
N VAL B 143 -12.39 -14.85 -6.50
CA VAL B 143 -13.19 -13.67 -6.82
C VAL B 143 -13.11 -13.42 -8.31
N ARG B 144 -14.27 -13.27 -8.95
CA ARG B 144 -14.35 -13.06 -10.39
C ARG B 144 -15.27 -11.88 -10.68
N VAL B 145 -15.07 -11.28 -11.85
CA VAL B 145 -15.89 -10.16 -12.26
C VAL B 145 -17.27 -10.66 -12.66
N SER B 146 -18.30 -10.11 -12.02
CA SER B 146 -19.66 -10.50 -12.34
C SER B 146 -20.32 -9.59 -13.37
N ARG B 147 -20.11 -8.28 -13.26
CA ARG B 147 -20.69 -7.33 -14.20
C ARG B 147 -19.72 -6.18 -14.44
N GLU B 148 -19.68 -5.71 -15.68
CA GLU B 148 -18.95 -4.50 -16.07
C GLU B 148 -19.97 -3.47 -16.54
N LEU B 149 -20.16 -2.42 -15.75
CA LEU B 149 -21.19 -1.43 -16.01
C LEU B 149 -20.60 -0.34 -16.91
N ALA B 150 -20.93 -0.41 -18.19
CA ALA B 150 -20.47 0.55 -19.19
C ALA B 150 -21.57 1.53 -19.54
N GLY B 151 -21.17 2.73 -19.95
CA GLY B 151 -22.12 3.76 -20.33
C GLY B 151 -21.72 5.15 -19.90
N HIS B 152 -20.93 5.27 -18.84
CA HIS B 152 -20.35 6.56 -18.47
C HIS B 152 -19.27 6.95 -19.45
N THR B 153 -19.29 8.21 -19.89
CA THR B 153 -18.31 8.73 -20.81
C THR B 153 -17.15 9.43 -20.12
N GLY B 154 -17.12 9.40 -18.78
CA GLY B 154 -16.04 9.98 -18.02
C GLY B 154 -15.57 9.02 -16.93
N TYR B 155 -14.53 9.44 -16.24
CA TYR B 155 -13.95 8.59 -15.20
C TYR B 155 -14.92 8.42 -14.04
N LEU B 156 -14.93 7.22 -13.47
CA LEU B 156 -15.78 6.92 -12.32
C LEU B 156 -15.12 7.44 -11.06
N SER B 157 -15.76 8.39 -10.38
CA SER B 157 -15.18 9.00 -9.20
C SER B 157 -15.74 8.45 -7.89
N CYS B 158 -16.94 7.90 -7.91
CA CYS B 158 -17.50 7.30 -6.70
C CYS B 158 -18.57 6.29 -7.09
N CYS B 159 -18.82 5.35 -6.19
CA CYS B 159 -19.86 4.34 -6.38
C CYS B 159 -20.27 3.82 -5.02
N ARG B 160 -21.57 3.55 -4.87
CA ARG B 160 -22.10 3.06 -3.60
C ARG B 160 -23.23 2.08 -3.88
N PHE B 161 -23.24 0.98 -3.13
CA PHE B 161 -24.28 -0.03 -3.26
C PHE B 161 -25.53 0.37 -2.50
N LEU B 162 -26.69 0.10 -3.09
CA LEU B 162 -27.95 0.10 -2.35
C LEU B 162 -28.37 -1.29 -1.94
N ASP B 163 -28.14 -2.27 -2.80
CA ASP B 163 -28.34 -3.69 -2.51
C ASP B 163 -27.47 -4.47 -3.48
N ASP B 164 -27.70 -5.78 -3.57
CA ASP B 164 -26.89 -6.60 -4.47
C ASP B 164 -27.21 -6.37 -5.94
N ASN B 165 -28.26 -5.61 -6.24
CA ASN B 165 -28.67 -5.36 -7.62
C ASN B 165 -28.69 -3.89 -8.01
N GLN B 166 -28.52 -2.97 -7.05
CA GLN B 166 -28.58 -1.54 -7.33
C GLN B 166 -27.31 -0.86 -6.82
N ILE B 167 -26.69 -0.05 -7.68
CA ILE B 167 -25.50 0.71 -7.33
C ILE B 167 -25.58 2.07 -8.03
N VAL B 168 -25.20 3.12 -7.30
CA VAL B 168 -25.20 4.49 -7.82
C VAL B 168 -23.76 4.94 -8.02
N THR B 169 -23.44 5.38 -9.23
CA THR B 169 -22.09 5.80 -9.59
C THR B 169 -22.09 7.24 -10.06
N SER B 170 -21.09 8.01 -9.61
CA SER B 170 -20.85 9.36 -10.10
C SER B 170 -19.64 9.34 -11.01
N SER B 171 -19.72 10.10 -12.10
CA SER B 171 -18.69 10.10 -13.13
C SER B 171 -18.16 11.50 -13.38
N GLY B 172 -17.07 11.56 -14.13
CA GLY B 172 -16.50 12.82 -14.55
C GLY B 172 -17.19 13.47 -15.74
N ASP B 173 -18.16 12.78 -16.34
CA ASP B 173 -18.96 13.35 -17.42
C ASP B 173 -20.12 14.19 -16.90
N THR B 174 -20.04 14.63 -15.64
CA THR B 174 -21.02 15.50 -14.99
C THR B 174 -22.36 14.82 -14.78
N THR B 175 -22.42 13.49 -14.77
CA THR B 175 -23.67 12.77 -14.57
C THR B 175 -23.49 11.68 -13.51
N CYS B 176 -24.53 11.48 -12.72
CA CYS B 176 -24.67 10.33 -11.85
C CYS B 176 -25.66 9.35 -12.46
N ALA B 177 -25.54 8.08 -12.08
CA ALA B 177 -26.38 7.04 -12.65
C ALA B 177 -26.74 6.02 -11.58
N LEU B 178 -27.92 5.42 -11.73
CA LEU B 178 -28.34 4.27 -10.95
C LEU B 178 -28.42 3.06 -11.87
N TRP B 179 -27.76 1.98 -11.47
CA TRP B 179 -27.59 0.82 -12.33
C TRP B 179 -28.39 -0.36 -11.81
N ASP B 180 -28.86 -1.19 -12.74
CA ASP B 180 -29.40 -2.51 -12.42
C ASP B 180 -28.32 -3.52 -12.75
N ILE B 181 -27.74 -4.12 -11.70
CA ILE B 181 -26.58 -4.98 -11.90
C ILE B 181 -26.95 -6.23 -12.70
N GLU B 182 -28.14 -6.77 -12.48
CA GLU B 182 -28.55 -7.98 -13.18
C GLU B 182 -28.59 -7.78 -14.69
N THR B 183 -29.16 -6.67 -15.13
CA THR B 183 -29.24 -6.38 -16.56
C THR B 183 -28.05 -5.58 -17.08
N GLY B 184 -27.29 -4.93 -16.20
CA GLY B 184 -26.16 -4.14 -16.62
C GLY B 184 -26.51 -2.79 -17.21
N GLN B 185 -27.78 -2.38 -17.14
CA GLN B 185 -28.24 -1.13 -17.71
C GLN B 185 -28.61 -0.15 -16.61
N GLN B 186 -28.49 1.13 -16.91
CA GLN B 186 -28.76 2.19 -15.94
C GLN B 186 -30.25 2.52 -15.95
N THR B 187 -30.91 2.30 -14.83
CA THR B 187 -32.35 2.59 -14.73
C THR B 187 -32.61 4.09 -14.74
N THR B 188 -31.80 4.86 -14.02
CA THR B 188 -31.96 6.30 -13.92
C THR B 188 -30.63 6.98 -14.22
N THR B 189 -30.69 8.08 -14.98
CA THR B 189 -29.53 8.91 -15.25
C THR B 189 -29.77 10.28 -14.64
N PHE B 190 -28.82 10.74 -13.82
CA PHE B 190 -28.95 11.98 -13.09
C PHE B 190 -28.11 13.06 -13.78
N THR B 191 -28.77 14.13 -14.22
CA THR B 191 -28.12 15.24 -14.88
C THR B 191 -28.44 16.54 -14.16
N GLY B 192 -27.54 17.51 -14.30
CA GLY B 192 -27.73 18.81 -13.67
C GLY B 192 -26.45 19.45 -13.19
N HIS B 193 -25.41 18.64 -12.99
CA HIS B 193 -24.11 19.18 -12.62
C HIS B 193 -23.39 19.72 -13.84
N THR B 194 -22.78 20.89 -13.69
CA THR B 194 -21.99 21.49 -14.76
C THR B 194 -20.50 21.15 -14.64
N GLY B 195 -20.08 20.51 -13.55
CA GLY B 195 -18.71 20.10 -13.38
C GLY B 195 -18.63 18.62 -13.06
N ASP B 196 -17.40 18.11 -13.07
CA ASP B 196 -17.17 16.70 -12.81
C ASP B 196 -17.65 16.33 -11.41
N VAL B 197 -18.45 15.27 -11.33
CA VAL B 197 -18.97 14.80 -10.04
C VAL B 197 -17.88 13.98 -9.36
N MET B 198 -17.48 14.40 -8.17
CA MET B 198 -16.34 13.79 -7.49
C MET B 198 -16.72 12.83 -6.37
N SER B 199 -17.92 12.94 -5.82
CA SER B 199 -18.32 12.09 -4.71
C SER B 199 -19.83 12.02 -4.63
N LEU B 200 -20.30 11.03 -3.88
CA LEU B 200 -21.72 10.89 -3.57
C LEU B 200 -21.86 10.20 -2.23
N SER B 201 -22.90 10.56 -1.49
CA SER B 201 -23.19 9.96 -0.19
C SER B 201 -24.65 9.52 -0.17
N LEU B 202 -24.87 8.23 0.05
CA LEU B 202 -26.22 7.68 0.15
C LEU B 202 -26.82 7.99 1.52
N ALA B 203 -28.10 8.32 1.53
CA ALA B 203 -28.80 8.53 2.78
C ALA B 203 -28.97 7.19 3.51
N PRO B 204 -29.17 7.24 4.84
CA PRO B 204 -29.38 5.97 5.57
C PRO B 204 -30.56 5.16 5.05
N ASP B 205 -31.63 5.81 4.62
CA ASP B 205 -32.76 5.10 4.04
C ASP B 205 -32.55 4.76 2.56
N THR B 206 -31.47 5.26 1.97
CA THR B 206 -31.09 4.96 0.58
C THR B 206 -32.17 5.38 -0.42
N ARG B 207 -32.98 6.37 -0.06
CA ARG B 207 -33.92 6.97 -0.99
C ARG B 207 -33.43 8.28 -1.57
N LEU B 208 -32.48 8.93 -0.91
CA LEU B 208 -31.87 10.16 -1.38
C LEU B 208 -30.36 10.00 -1.34
N PHE B 209 -29.67 10.78 -2.18
CA PHE B 209 -28.22 10.82 -2.12
C PHE B 209 -27.73 12.17 -2.63
N VAL B 210 -26.79 12.75 -1.91
CA VAL B 210 -26.17 14.02 -2.27
C VAL B 210 -24.91 13.72 -3.07
N SER B 211 -24.59 14.62 -4.00
CA SER B 211 -23.39 14.51 -4.81
C SER B 211 -22.66 15.85 -4.83
N GLY B 212 -21.34 15.79 -4.84
CA GLY B 212 -20.50 16.98 -4.91
C GLY B 212 -19.76 17.00 -6.24
N ALA B 213 -19.71 18.19 -6.85
CA ALA B 213 -19.07 18.35 -8.16
C ALA B 213 -18.05 19.47 -8.10
N CYS B 214 -17.32 19.63 -9.21
CA CYS B 214 -16.29 20.66 -9.32
C CYS B 214 -16.88 22.06 -9.45
N ASP B 215 -18.18 22.17 -9.71
CA ASP B 215 -18.83 23.48 -9.78
C ASP B 215 -19.16 24.05 -8.41
N ALA B 216 -18.58 23.50 -7.34
CA ALA B 216 -18.77 23.98 -5.98
C ALA B 216 -20.22 23.94 -5.55
N SER B 217 -20.97 22.94 -6.03
CA SER B 217 -22.38 22.78 -5.70
C SER B 217 -22.65 21.35 -5.28
N ALA B 218 -23.52 21.19 -4.29
CA ALA B 218 -23.99 19.89 -3.84
C ALA B 218 -25.47 19.77 -4.15
N LYS B 219 -25.85 18.69 -4.83
CA LYS B 219 -27.23 18.47 -5.27
C LYS B 219 -27.84 17.29 -4.54
N LEU B 220 -29.07 17.47 -4.08
CA LEU B 220 -29.82 16.41 -3.43
C LEU B 220 -30.68 15.71 -4.48
N TRP B 221 -30.51 14.40 -4.62
CA TRP B 221 -31.18 13.63 -5.65
C TRP B 221 -32.17 12.66 -5.03
N ASP B 222 -33.27 12.42 -5.74
CA ASP B 222 -34.24 11.40 -5.37
C ASP B 222 -34.02 10.17 -6.24
N VAL B 223 -33.68 9.05 -5.60
CA VAL B 223 -33.32 7.85 -6.35
C VAL B 223 -34.51 7.31 -7.12
N ARG B 224 -35.66 7.23 -6.46
CA ARG B 224 -36.85 6.71 -7.13
C ARG B 224 -37.40 7.70 -8.15
N GLU B 225 -37.45 8.98 -7.80
CA GLU B 225 -38.01 9.97 -8.72
C GLU B 225 -37.07 10.24 -9.88
N GLY B 226 -35.78 10.40 -9.60
CA GLY B 226 -34.79 10.61 -10.64
C GLY B 226 -34.49 12.05 -10.97
N MET B 227 -34.88 13.01 -10.13
CA MET B 227 -34.65 14.42 -10.38
C MET B 227 -34.01 15.06 -9.17
N CYS B 228 -33.33 16.18 -9.41
CA CYS B 228 -32.66 16.92 -8.34
C CYS B 228 -33.69 17.70 -7.53
N ARG B 229 -33.65 17.52 -6.21
CA ARG B 229 -34.62 18.18 -5.33
C ARG B 229 -34.10 19.52 -4.83
N GLN B 230 -32.85 19.56 -4.37
CA GLN B 230 -32.28 20.78 -3.80
C GLN B 230 -30.85 20.94 -4.32
N THR B 231 -30.40 22.19 -4.31
CA THR B 231 -29.04 22.53 -4.70
C THR B 231 -28.43 23.42 -3.62
N PHE B 232 -27.19 23.11 -3.23
CA PHE B 232 -26.51 23.81 -2.16
C PHE B 232 -25.20 24.39 -2.70
N THR B 233 -24.98 25.67 -2.42
CA THR B 233 -23.77 26.36 -2.84
C THR B 233 -23.14 27.06 -1.65
N GLY B 234 -21.94 27.60 -1.87
CA GLY B 234 -21.21 28.28 -0.82
C GLY B 234 -19.72 28.00 -0.88
N HIS B 235 -19.35 26.85 -1.43
CA HIS B 235 -17.94 26.54 -1.63
C HIS B 235 -17.38 27.36 -2.78
N GLU B 236 -16.07 27.62 -2.72
CA GLU B 236 -15.41 28.46 -3.70
C GLU B 236 -14.61 27.67 -4.73
N SER B 237 -14.49 26.36 -4.57
CA SER B 237 -13.74 25.54 -5.51
C SER B 237 -14.35 24.15 -5.56
N ASP B 238 -13.67 23.22 -6.23
CA ASP B 238 -14.19 21.89 -6.46
C ASP B 238 -14.48 21.18 -5.13
N ILE B 239 -15.64 20.53 -5.06
CA ILE B 239 -16.00 19.72 -3.91
C ILE B 239 -15.51 18.30 -4.15
N ASN B 240 -14.66 17.81 -3.23
CA ASN B 240 -14.04 16.51 -3.39
C ASN B 240 -14.66 15.42 -2.55
N ALA B 241 -15.38 15.77 -1.48
CA ALA B 241 -15.91 14.79 -0.56
C ALA B 241 -17.25 15.25 -0.02
N ILE B 242 -18.18 14.31 0.13
CA ILE B 242 -19.51 14.59 0.66
C ILE B 242 -19.91 13.42 1.53
N CYS B 243 -20.59 13.72 2.64
CA CYS B 243 -20.97 12.70 3.60
C CYS B 243 -22.26 13.10 4.31
N PHE B 244 -23.22 12.19 4.34
CA PHE B 244 -24.49 12.45 4.99
C PHE B 244 -24.34 12.46 6.51
N PHE B 245 -25.19 13.24 7.17
CA PHE B 245 -25.31 13.17 8.62
C PHE B 245 -25.92 11.83 9.00
N PRO B 246 -25.64 11.34 10.22
CA PRO B 246 -26.18 10.03 10.62
C PRO B 246 -27.68 9.88 10.48
N ASN B 247 -28.46 10.92 10.80
CA ASN B 247 -29.91 10.81 10.73
C ASN B 247 -30.47 11.17 9.35
N GLY B 248 -29.64 11.65 8.43
CA GLY B 248 -30.08 11.92 7.08
C GLY B 248 -30.72 13.27 6.84
N ASN B 249 -30.77 14.14 7.85
CA ASN B 249 -31.34 15.47 7.69
C ASN B 249 -30.30 16.54 7.38
N ALA B 250 -29.05 16.15 7.18
CA ALA B 250 -27.99 17.09 6.85
C ALA B 250 -26.85 16.33 6.19
N PHE B 251 -25.87 17.07 5.71
CA PHE B 251 -24.66 16.47 5.16
C PHE B 251 -23.53 17.49 5.22
N ALA B 252 -22.31 17.00 5.05
CA ALA B 252 -21.12 17.84 5.07
C ALA B 252 -20.33 17.64 3.78
N THR B 253 -19.64 18.70 3.36
CA THR B 253 -18.84 18.67 2.14
C THR B 253 -17.43 19.14 2.45
N GLY B 254 -16.49 18.68 1.63
CA GLY B 254 -15.12 19.13 1.69
C GLY B 254 -14.63 19.55 0.32
N SER B 255 -14.07 20.74 0.22
CA SER B 255 -13.70 21.31 -1.07
C SER B 255 -12.23 21.73 -1.05
N ASP B 256 -11.75 22.21 -2.21
CA ASP B 256 -10.38 22.66 -2.35
C ASP B 256 -10.12 23.99 -1.66
N ASP B 257 -11.16 24.71 -1.25
CA ASP B 257 -10.98 25.99 -0.57
C ASP B 257 -10.67 25.83 0.91
N ALA B 258 -10.26 24.62 1.34
CA ALA B 258 -9.81 24.35 2.70
C ALA B 258 -10.91 24.60 3.73
N THR B 259 -12.17 24.35 3.36
CA THR B 259 -13.29 24.52 4.28
C THR B 259 -14.19 23.30 4.21
N CYS B 260 -14.83 23.01 5.35
CA CYS B 260 -15.91 22.04 5.43
C CYS B 260 -17.19 22.78 5.81
N ARG B 261 -18.28 22.44 5.13
CA ARG B 261 -19.56 23.11 5.32
C ARG B 261 -20.63 22.09 5.67
N LEU B 262 -21.46 22.43 6.65
CA LEU B 262 -22.58 21.60 7.09
C LEU B 262 -23.85 22.17 6.47
N PHE B 263 -24.39 21.47 5.48
CA PHE B 263 -25.61 21.88 4.80
C PHE B 263 -26.80 21.13 5.38
N ASP B 264 -27.91 21.85 5.55
CA ASP B 264 -29.15 21.29 6.08
C ASP B 264 -30.13 21.06 4.93
N LEU B 265 -30.70 19.86 4.88
CA LEU B 265 -31.61 19.53 3.78
C LEU B 265 -32.92 20.31 3.89
N ARG B 266 -33.52 20.30 5.09
CA ARG B 266 -34.82 20.96 5.24
C ARG B 266 -34.70 22.47 5.15
N ALA B 267 -33.70 23.05 5.82
CA ALA B 267 -33.48 24.49 5.73
C ALA B 267 -32.90 24.93 4.40
N ASP B 268 -32.41 23.99 3.59
CA ASP B 268 -31.95 24.26 2.22
C ASP B 268 -30.82 25.30 2.20
N GLN B 269 -29.97 25.30 3.22
CA GLN B 269 -28.90 26.27 3.29
C GLN B 269 -27.80 25.76 4.22
N GLU B 270 -26.62 26.37 4.10
CA GLU B 270 -25.49 26.01 4.93
C GLU B 270 -25.76 26.40 6.39
N LEU B 271 -25.32 25.54 7.31
CA LEU B 271 -25.46 25.80 8.74
C LEU B 271 -24.17 26.24 9.40
N MET B 272 -23.03 25.70 8.98
CA MET B 272 -21.77 26.00 9.66
C MET B 272 -20.61 25.69 8.73
N THR B 273 -19.53 26.45 8.89
CA THR B 273 -18.31 26.27 8.11
C THR B 273 -17.17 25.88 9.06
N TYR B 274 -16.40 24.87 8.68
CA TYR B 274 -15.30 24.34 9.48
C TYR B 274 -14.00 24.73 8.79
N SER B 275 -13.41 25.84 9.22
CA SER B 275 -12.19 26.36 8.63
C SER B 275 -11.29 26.93 9.70
N HIS B 276 -9.99 26.94 9.41
CA HIS B 276 -9.00 27.55 10.29
C HIS B 276 -8.00 28.33 9.42
N ASP B 277 -7.38 29.34 10.03
CA ASP B 277 -6.44 30.17 9.28
C ASP B 277 -5.19 29.38 8.89
N ASN B 278 -4.74 28.46 9.75
CA ASN B 278 -3.55 27.69 9.44
C ASN B 278 -3.78 26.68 8.32
N ILE B 279 -5.02 26.26 8.10
CA ILE B 279 -5.33 25.28 7.07
C ILE B 279 -5.51 26.00 5.74
N ILE B 280 -4.72 25.60 4.74
CA ILE B 280 -4.78 26.20 3.41
C ILE B 280 -4.87 25.16 2.31
N CYS B 281 -4.78 23.88 2.64
CA CYS B 281 -4.77 22.79 1.68
C CYS B 281 -6.18 22.26 1.44
N GLY B 282 -6.36 21.58 0.32
CA GLY B 282 -7.65 21.03 -0.01
C GLY B 282 -8.06 19.92 0.93
N ILE B 283 -9.35 19.61 0.90
CA ILE B 283 -9.94 18.56 1.72
C ILE B 283 -10.39 17.43 0.81
N THR B 284 -9.95 16.21 1.13
CA THR B 284 -10.14 15.06 0.26
C THR B 284 -11.24 14.13 0.72
N SER B 285 -11.48 14.03 2.02
CA SER B 285 -12.48 13.10 2.54
C SER B 285 -13.08 13.65 3.82
N VAL B 286 -14.36 13.36 4.03
CA VAL B 286 -15.09 13.78 5.22
C VAL B 286 -15.94 12.62 5.70
N SER B 287 -16.08 12.51 7.02
CA SER B 287 -16.94 11.50 7.61
C SER B 287 -17.42 11.98 8.97
N PHE B 288 -18.53 11.42 9.42
CA PHE B 288 -19.11 11.73 10.72
C PHE B 288 -18.93 10.55 11.67
N SER B 289 -18.84 10.85 12.96
CA SER B 289 -18.87 9.81 13.97
C SER B 289 -20.27 9.20 14.05
N LYS B 290 -20.42 8.22 14.94
CA LYS B 290 -21.70 7.53 15.04
C LYS B 290 -22.81 8.48 15.49
N SER B 291 -22.51 9.36 16.44
CA SER B 291 -23.50 10.32 16.92
C SER B 291 -23.53 11.61 16.09
N GLY B 292 -22.57 11.80 15.19
CA GLY B 292 -22.51 13.01 14.39
C GLY B 292 -21.92 14.21 15.09
N ARG B 293 -21.49 14.07 16.34
CA ARG B 293 -20.91 15.20 17.06
C ARG B 293 -19.53 15.57 16.51
N LEU B 294 -18.79 14.58 15.99
CA LEU B 294 -17.45 14.81 15.48
C LEU B 294 -17.45 14.69 13.96
N LEU B 295 -16.81 15.64 13.30
CA LEU B 295 -16.60 15.60 11.86
C LEU B 295 -15.11 15.38 11.60
N LEU B 296 -14.80 14.34 10.83
CA LEU B 296 -13.42 13.99 10.52
C LEU B 296 -13.16 14.28 9.05
N ALA B 297 -12.11 15.06 8.77
CA ALA B 297 -11.80 15.51 7.42
C ALA B 297 -10.35 15.20 7.10
N GLY B 298 -10.11 14.63 5.92
CA GLY B 298 -8.76 14.38 5.44
C GLY B 298 -8.28 15.53 4.57
N TYR B 299 -7.03 15.93 4.80
CA TYR B 299 -6.46 17.11 4.15
C TYR B 299 -5.23 16.71 3.34
N ASP B 300 -4.73 17.66 2.57
CA ASP B 300 -3.52 17.45 1.77
C ASP B 300 -2.25 17.76 2.53
N ASP B 301 -2.33 18.30 3.74
CA ASP B 301 -1.16 18.52 4.57
C ASP B 301 -0.75 17.27 5.33
N PHE B 302 -1.24 16.11 4.88
CA PHE B 302 -0.93 14.77 5.36
C PHE B 302 -1.67 14.45 6.66
N ASN B 303 -2.49 15.37 7.17
CA ASN B 303 -3.15 15.21 8.45
C ASN B 303 -4.63 14.94 8.27
N CYS B 304 -5.28 14.60 9.38
CA CYS B 304 -6.72 14.44 9.46
C CYS B 304 -7.22 15.14 10.70
N ASN B 305 -8.05 16.17 10.52
CA ASN B 305 -8.52 16.99 11.63
C ASN B 305 -9.88 16.52 12.08
N VAL B 306 -10.07 16.47 13.39
CA VAL B 306 -11.35 16.12 14.01
C VAL B 306 -12.03 17.40 14.43
N TRP B 307 -13.23 17.63 13.92
CA TRP B 307 -13.98 18.85 14.16
C TRP B 307 -15.17 18.59 15.06
N ASP B 308 -15.44 19.52 15.97
CA ASP B 308 -16.68 19.53 16.73
C ASP B 308 -17.77 20.05 15.81
N ALA B 309 -18.59 19.13 15.27
CA ALA B 309 -19.53 19.49 14.22
C ALA B 309 -20.53 20.54 14.68
N LEU B 310 -20.81 20.60 15.98
CA LEU B 310 -21.81 21.54 16.49
C LEU B 310 -21.20 22.88 16.85
N LYS B 311 -19.89 22.96 17.07
CA LYS B 311 -19.24 24.19 17.49
C LYS B 311 -18.11 24.63 16.57
N ALA B 312 -17.82 23.87 15.52
CA ALA B 312 -16.80 24.21 14.53
C ALA B 312 -15.43 24.43 15.18
N ASP B 313 -15.14 23.64 16.21
CA ASP B 313 -13.84 23.64 16.86
C ASP B 313 -13.08 22.39 16.46
N ARG B 314 -11.78 22.53 16.20
CA ARG B 314 -10.95 21.38 15.88
C ARG B 314 -10.67 20.62 17.16
N ALA B 315 -11.30 19.45 17.31
CA ALA B 315 -11.17 18.68 18.54
C ALA B 315 -9.85 17.93 18.62
N GLY B 316 -9.33 17.46 17.48
CA GLY B 316 -8.10 16.70 17.49
C GLY B 316 -7.53 16.56 16.11
N VAL B 317 -6.33 15.97 16.05
CA VAL B 317 -5.59 15.78 14.81
C VAL B 317 -5.15 14.33 14.73
N LEU B 318 -5.30 13.74 13.55
CA LEU B 318 -4.80 12.39 13.27
C LEU B 318 -3.63 12.53 12.31
N ALA B 319 -2.44 12.75 12.86
CA ALA B 319 -1.23 13.01 12.09
C ALA B 319 -0.36 11.76 12.15
N GLY B 320 -0.53 10.87 11.19
CA GLY B 320 0.27 9.67 11.14
C GLY B 320 0.64 9.23 9.74
N HIS B 321 0.38 10.07 8.74
CA HIS B 321 0.62 9.72 7.35
C HIS B 321 1.72 10.59 6.77
N ASP B 322 2.45 10.02 5.82
CA ASP B 322 3.58 10.69 5.17
C ASP B 322 3.25 11.20 3.78
N ASN B 323 1.97 11.18 3.41
CA ASN B 323 1.54 11.74 2.13
C ASN B 323 0.09 12.18 2.29
N ARG B 324 -0.51 12.60 1.18
CA ARG B 324 -1.86 13.17 1.23
C ARG B 324 -2.87 12.12 1.68
N VAL B 325 -3.72 12.50 2.64
CA VAL B 325 -4.78 11.61 3.10
C VAL B 325 -5.87 11.58 2.04
N SER B 326 -5.95 10.47 1.30
CA SER B 326 -6.86 10.38 0.16
C SER B 326 -8.26 9.95 0.55
N CYS B 327 -8.43 9.28 1.69
CA CYS B 327 -9.72 8.74 2.05
C CYS B 327 -9.78 8.50 3.55
N LEU B 328 -11.00 8.40 4.07
CA LEU B 328 -11.22 7.97 5.44
C LEU B 328 -12.62 7.37 5.53
N GLY B 329 -12.85 6.62 6.60
CA GLY B 329 -14.15 6.00 6.82
C GLY B 329 -14.32 5.65 8.28
N VAL B 330 -15.58 5.64 8.72
CA VAL B 330 -15.95 5.26 10.08
C VAL B 330 -16.81 4.01 10.01
N THR B 331 -16.56 3.07 10.91
CA THR B 331 -17.30 1.82 10.93
C THR B 331 -18.76 2.07 11.32
N ASP B 332 -19.62 1.15 10.89
CA ASP B 332 -21.05 1.28 11.19
C ASP B 332 -21.32 1.30 12.69
N ASP B 333 -20.53 0.55 13.47
CA ASP B 333 -20.66 0.62 14.91
C ASP B 333 -19.93 1.83 15.50
N GLY B 334 -19.19 2.57 14.69
CA GLY B 334 -18.54 3.78 15.16
C GLY B 334 -17.35 3.55 16.05
N MET B 335 -16.80 2.34 16.08
CA MET B 335 -15.73 2.03 17.01
C MET B 335 -14.40 2.62 16.57
N ALA B 336 -14.12 2.60 15.27
CA ALA B 336 -12.81 3.00 14.76
C ALA B 336 -12.99 3.76 13.46
N VAL B 337 -11.95 4.50 13.09
CA VAL B 337 -11.89 5.23 11.83
C VAL B 337 -10.64 4.79 11.08
N ALA B 338 -10.80 4.44 9.81
CA ALA B 338 -9.68 4.05 8.95
C ALA B 338 -9.36 5.20 8.01
N THR B 339 -8.08 5.53 7.89
CA THR B 339 -7.62 6.59 7.00
C THR B 339 -6.63 6.01 5.99
N GLY B 340 -6.90 6.23 4.72
CA GLY B 340 -5.97 5.90 3.66
C GLY B 340 -5.13 7.10 3.27
N SER B 341 -4.08 6.84 2.51
CA SER B 341 -3.19 7.92 2.08
C SER B 341 -2.39 7.46 0.87
N TRP B 342 -1.76 8.43 0.22
CA TRP B 342 -0.93 8.17 -0.94
C TRP B 342 0.39 7.48 -0.60
N ASP B 343 0.74 7.41 0.68
CA ASP B 343 1.91 6.64 1.11
C ASP B 343 1.63 5.14 1.17
N SER B 344 0.50 4.70 0.62
CA SER B 344 0.14 3.28 0.49
C SER B 344 -0.09 2.61 1.83
N PHE B 345 -0.47 3.36 2.86
CA PHE B 345 -0.71 2.79 4.18
C PHE B 345 -2.06 3.21 4.71
N LEU B 346 -2.77 2.26 5.32
CA LEU B 346 -4.03 2.51 6.00
C LEU B 346 -3.83 2.38 7.50
N LYS B 347 -4.42 3.28 8.27
CA LYS B 347 -4.29 3.28 9.71
C LYS B 347 -5.67 3.24 10.36
N ILE B 348 -5.77 2.49 11.45
CA ILE B 348 -7.00 2.37 12.22
C ILE B 348 -6.83 3.17 13.50
N TRP B 349 -7.78 4.06 13.77
CA TRP B 349 -7.69 4.99 14.89
C TRP B 349 -8.90 4.83 15.80
N ASN B 350 -8.67 4.94 17.11
CA ASN B 350 -9.74 5.06 18.09
C ASN B 350 -9.15 5.61 19.37
N GLY B 351 -10.04 6.06 20.26
CA GLY B 351 -9.61 6.65 21.51
C GLY B 351 -9.38 5.64 22.62
N SER B 352 -8.81 6.12 23.72
CA SER B 352 -8.54 5.30 24.89
C SER B 352 -9.09 5.99 26.13
N SER B 353 -9.63 5.19 27.05
CA SER B 353 -10.20 5.71 28.28
C SER B 353 -9.13 6.29 29.19
N THR C 6 -30.83 25.61 -32.06
CA THR C 6 -31.87 25.79 -31.05
C THR C 6 -31.57 24.95 -29.81
N ALA C 7 -30.28 24.65 -29.59
CA ALA C 7 -29.88 23.91 -28.41
C ALA C 7 -29.91 24.78 -27.16
N SER C 8 -29.48 26.04 -27.28
CA SER C 8 -29.42 26.93 -26.12
C SER C 8 -30.82 27.24 -25.59
N ILE C 9 -31.79 27.46 -26.48
CA ILE C 9 -33.13 27.82 -26.04
C ILE C 9 -33.78 26.66 -25.30
N ALA C 10 -33.51 25.42 -25.73
CA ALA C 10 -34.05 24.26 -25.03
C ALA C 10 -33.45 24.12 -23.64
N GLN C 11 -32.15 24.39 -23.50
CA GLN C 11 -31.49 24.28 -22.20
C GLN C 11 -32.01 25.33 -21.22
N ALA C 12 -32.31 26.53 -21.72
CA ALA C 12 -32.79 27.60 -20.85
C ALA C 12 -34.11 27.23 -20.19
N ARG C 13 -35.03 26.62 -20.96
CA ARG C 13 -36.30 26.18 -20.39
C ARG C 13 -36.08 25.13 -19.31
N LYS C 14 -35.15 24.20 -19.55
CA LYS C 14 -34.88 23.14 -18.57
C LYS C 14 -34.35 23.72 -17.26
N LEU C 15 -33.43 24.68 -17.35
CA LEU C 15 -32.88 25.29 -16.14
C LEU C 15 -33.96 26.05 -15.37
N VAL C 16 -34.81 26.79 -16.08
CA VAL C 16 -35.87 27.53 -15.42
C VAL C 16 -36.86 26.58 -14.75
N GLU C 17 -37.21 25.49 -15.43
CA GLU C 17 -38.14 24.53 -14.88
C GLU C 17 -37.60 23.90 -13.59
N GLN C 18 -36.32 23.57 -13.56
CA GLN C 18 -35.72 22.99 -12.36
C GLN C 18 -35.72 24.00 -11.20
N LEU C 19 -35.42 25.27 -11.49
CA LEU C 19 -35.34 26.26 -10.43
C LEU C 19 -36.70 26.50 -9.79
N LYS C 20 -37.79 26.31 -10.53
CA LYS C 20 -39.12 26.47 -9.95
C LYS C 20 -39.38 25.47 -8.84
N MET C 21 -38.98 24.21 -9.05
CA MET C 21 -39.25 23.17 -8.06
C MET C 21 -38.50 23.42 -6.76
N GLU C 22 -37.24 23.87 -6.86
CA GLU C 22 -36.44 24.11 -5.65
C GLU C 22 -36.98 25.28 -4.85
N ALA C 23 -37.67 26.22 -5.48
CA ALA C 23 -38.21 27.38 -4.77
C ALA C 23 -39.54 27.11 -4.08
N ASN C 24 -40.22 26.01 -4.43
CA ASN C 24 -41.55 25.70 -3.91
C ASN C 24 -41.51 24.71 -2.75
N ILE C 25 -40.33 24.36 -2.25
CA ILE C 25 -40.24 23.41 -1.15
C ILE C 25 -40.42 24.14 0.17
N ASP C 26 -40.90 23.42 1.18
CA ASP C 26 -41.12 23.99 2.50
C ASP C 26 -39.79 24.02 3.25
N ARG C 27 -39.40 25.22 3.69
CA ARG C 27 -38.15 25.41 4.41
C ARG C 27 -38.47 25.76 5.86
N ILE C 28 -37.91 24.97 6.78
CA ILE C 28 -38.12 25.20 8.22
C ILE C 28 -37.11 26.22 8.71
N LYS C 29 -37.35 26.75 9.91
CA LYS C 29 -36.42 27.70 10.51
C LYS C 29 -35.08 27.02 10.80
N VAL C 30 -34.00 27.79 10.69
CA VAL C 30 -32.67 27.26 10.94
C VAL C 30 -32.53 26.84 12.41
N SER C 31 -33.08 27.66 13.32
CA SER C 31 -33.03 27.31 14.74
C SER C 31 -33.74 25.99 15.00
N LYS C 32 -34.84 25.73 14.28
CA LYS C 32 -35.49 24.43 14.39
C LYS C 32 -34.61 23.32 13.84
N ALA C 33 -33.97 23.55 12.69
CA ALA C 33 -33.08 22.54 12.12
C ALA C 33 -31.80 22.41 12.96
N ALA C 34 -31.32 23.51 13.52
CA ALA C 34 -30.12 23.45 14.35
C ALA C 34 -30.37 22.63 15.62
N ALA C 35 -31.55 22.78 16.23
CA ALA C 35 -31.85 22.04 17.45
C ALA C 35 -31.99 20.55 17.18
N ASP C 36 -32.49 20.18 15.99
CA ASP C 36 -32.63 18.76 15.66
C ASP C 36 -31.28 18.06 15.61
N LEU C 37 -30.27 18.71 15.00
CA LEU C 37 -28.93 18.15 15.02
C LEU C 37 -28.37 18.11 16.43
N MET C 38 -28.60 19.17 17.21
CA MET C 38 -28.13 19.20 18.59
C MET C 38 -28.81 18.14 19.43
N ALA C 39 -30.12 17.91 19.20
CA ALA C 39 -30.83 16.89 19.95
C ALA C 39 -30.35 15.49 19.59
N TYR C 40 -30.08 15.24 18.31
CA TYR C 40 -29.62 13.92 17.89
C TYR C 40 -28.24 13.61 18.47
N CYS C 41 -27.34 14.59 18.47
CA CYS C 41 -26.00 14.36 19.01
C CYS C 41 -26.05 14.07 20.51
N GLU C 42 -26.89 14.80 21.24
CA GLU C 42 -27.02 14.57 22.68
C GLU C 42 -27.62 13.19 22.96
N ALA C 43 -28.62 12.77 22.17
CA ALA C 43 -29.26 11.49 22.40
C ALA C 43 -28.31 10.32 22.18
N HIS C 44 -27.46 10.42 21.15
CA HIS C 44 -26.56 9.33 20.78
C HIS C 44 -25.14 9.55 21.28
N ALA C 45 -24.94 10.47 22.24
CA ALA C 45 -23.60 10.75 22.74
C ALA C 45 -23.01 9.56 23.45
N LYS C 46 -23.82 8.84 24.23
CA LYS C 46 -23.31 7.72 25.02
C LYS C 46 -22.84 6.57 24.15
N GLU C 47 -23.44 6.40 22.96
CA GLU C 47 -23.10 5.30 22.07
C GLU C 47 -22.14 5.70 20.97
N ASP C 48 -21.25 6.67 21.23
CA ASP C 48 -20.26 7.08 20.25
C ASP C 48 -18.87 6.72 20.75
N PRO C 49 -18.27 5.62 20.29
CA PRO C 49 -16.94 5.24 20.78
C PRO C 49 -15.86 6.28 20.51
N LEU C 50 -15.92 6.97 19.36
CA LEU C 50 -14.91 7.98 19.07
C LEU C 50 -15.05 9.20 19.98
N LEU C 51 -16.29 9.63 20.22
CA LEU C 51 -16.51 10.77 21.11
C LEU C 51 -16.19 10.40 22.55
N THR C 52 -16.70 9.27 23.03
CA THR C 52 -16.43 8.76 24.37
C THR C 52 -15.68 7.45 24.24
N PRO C 53 -14.36 7.45 24.50
CA PRO C 53 -13.59 6.21 24.30
C PRO C 53 -14.09 5.10 25.20
N VAL C 54 -14.15 3.89 24.64
CA VAL C 54 -14.61 2.71 25.36
C VAL C 54 -13.47 2.15 26.19
N PRO C 55 -13.74 1.36 27.23
CA PRO C 55 -12.65 0.71 27.96
C PRO C 55 -11.88 -0.25 27.06
N ALA C 56 -10.62 -0.48 27.44
CA ALA C 56 -9.73 -1.31 26.61
C ALA C 56 -10.28 -2.72 26.44
N SER C 57 -11.06 -3.21 27.41
CA SER C 57 -11.64 -4.54 27.29
C SER C 57 -12.67 -4.61 26.18
N GLU C 58 -13.36 -3.50 25.90
CA GLU C 58 -14.40 -3.46 24.88
C GLU C 58 -13.90 -2.96 23.54
N ASN C 59 -12.61 -2.71 23.40
CA ASN C 59 -12.06 -2.19 22.15
C ASN C 59 -11.60 -3.34 21.26
N PRO C 60 -12.19 -3.54 20.09
CA PRO C 60 -11.73 -4.62 19.20
C PRO C 60 -10.32 -4.41 18.65
N PHE C 61 -9.74 -3.22 18.80
CA PHE C 61 -8.44 -2.92 18.22
C PHE C 61 -7.39 -2.68 19.30
N ARG C 62 -7.35 -3.56 20.30
CA ARG C 62 -6.37 -3.47 21.38
C ARG C 62 -4.94 -3.47 20.85
N VAL D 1 -17.97 -28.18 -9.13
CA VAL D 1 -16.89 -28.68 -8.31
C VAL D 1 -16.93 -30.21 -8.29
N GLN D 2 -15.78 -30.84 -8.53
CA GLN D 2 -15.69 -32.29 -8.57
C GLN D 2 -14.38 -32.73 -7.93
N LEU D 3 -14.44 -33.88 -7.25
CA LEU D 3 -13.26 -34.51 -6.65
C LEU D 3 -13.37 -36.00 -6.85
N VAL D 4 -12.53 -36.56 -7.71
CA VAL D 4 -12.57 -37.98 -8.05
C VAL D 4 -11.32 -38.63 -7.50
N GLU D 5 -11.50 -39.65 -6.65
CA GLU D 5 -10.40 -40.39 -6.09
C GLU D 5 -10.19 -41.70 -6.85
N SER D 6 -8.93 -42.14 -6.89
CA SER D 6 -8.58 -43.38 -7.57
C SER D 6 -7.32 -43.95 -6.93
N GLY D 7 -7.05 -45.21 -7.25
CA GLY D 7 -5.90 -45.90 -6.71
C GLY D 7 -6.19 -46.89 -5.60
N GLY D 8 -7.41 -46.89 -5.07
CA GLY D 8 -7.75 -47.84 -4.04
C GLY D 8 -7.93 -49.25 -4.59
N GLY D 9 -7.90 -50.21 -3.68
CA GLY D 9 -8.04 -51.61 -4.05
C GLY D 9 -7.55 -52.50 -2.94
N LEU D 10 -7.44 -53.79 -3.26
CA LEU D 10 -6.99 -54.79 -2.31
C LEU D 10 -5.47 -54.86 -2.31
N VAL D 11 -4.87 -54.73 -1.12
CA VAL D 11 -3.42 -54.78 -0.96
C VAL D 11 -3.10 -55.72 0.19
N GLN D 12 -1.88 -56.29 0.13
CA GLN D 12 -1.41 -57.13 1.20
C GLN D 12 -0.91 -56.29 2.38
N PRO D 13 -0.98 -56.81 3.60
CA PRO D 13 -0.48 -56.05 4.76
C PRO D 13 1.00 -55.74 4.61
N GLY D 14 1.38 -54.55 5.06
CA GLY D 14 2.75 -54.11 4.97
C GLY D 14 3.16 -53.55 3.63
N GLY D 15 2.25 -53.49 2.66
CA GLY D 15 2.55 -52.98 1.35
C GLY D 15 2.40 -51.47 1.26
N SER D 16 2.40 -50.97 0.03
CA SER D 16 2.26 -49.55 -0.24
C SER D 16 1.26 -49.33 -1.37
N ARG D 17 0.48 -48.26 -1.26
CA ARG D 17 -0.50 -47.91 -2.27
C ARG D 17 -0.56 -46.39 -2.41
N LYS D 18 -0.88 -45.95 -3.63
CA LYS D 18 -0.91 -44.53 -3.96
C LYS D 18 -2.34 -44.11 -4.27
N LEU D 19 -2.81 -43.08 -3.59
CA LEU D 19 -4.14 -42.52 -3.80
C LEU D 19 -4.02 -41.17 -4.51
N SER D 20 -4.80 -41.01 -5.57
CA SER D 20 -4.81 -39.78 -6.36
C SER D 20 -6.21 -39.18 -6.33
N CYS D 21 -6.27 -37.85 -6.21
CA CYS D 21 -7.53 -37.11 -6.15
C CYS D 21 -7.52 -36.03 -7.22
N SER D 22 -8.26 -36.25 -8.29
CA SER D 22 -8.33 -35.30 -9.39
C SER D 22 -9.36 -34.22 -9.07
N ALA D 23 -8.93 -32.95 -9.08
CA ALA D 23 -9.78 -31.82 -8.76
C ALA D 23 -10.10 -31.04 -10.03
N SER D 24 -11.37 -30.68 -10.19
CA SER D 24 -11.81 -29.90 -11.32
C SER D 24 -13.00 -29.04 -10.90
N GLY D 25 -13.21 -27.96 -11.66
CA GLY D 25 -14.33 -27.08 -11.39
C GLY D 25 -14.10 -26.02 -10.33
N PHE D 26 -12.87 -25.88 -9.82
CA PHE D 26 -12.59 -24.86 -8.82
C PHE D 26 -11.09 -24.61 -8.79
N ALA D 27 -10.71 -23.52 -8.14
CA ALA D 27 -9.30 -23.15 -8.01
C ALA D 27 -8.62 -24.07 -7.00
N PHE D 28 -7.99 -25.14 -7.48
CA PHE D 28 -7.44 -26.16 -6.59
C PHE D 28 -6.29 -25.59 -5.75
N SER D 29 -5.46 -24.74 -6.35
CA SER D 29 -4.27 -24.25 -5.64
C SER D 29 -4.61 -23.37 -4.44
N SER D 30 -5.81 -22.79 -4.40
CA SER D 30 -6.19 -21.90 -3.32
C SER D 30 -6.80 -22.62 -2.13
N PHE D 31 -7.08 -23.91 -2.24
CA PHE D 31 -7.76 -24.67 -1.19
C PHE D 31 -6.77 -25.58 -0.47
N GLY D 32 -6.80 -25.52 0.86
CA GLY D 32 -6.18 -26.57 1.64
C GLY D 32 -6.95 -27.87 1.49
N MET D 33 -6.22 -28.99 1.53
CA MET D 33 -6.80 -30.29 1.25
C MET D 33 -6.67 -31.19 2.46
N HIS D 34 -7.63 -32.09 2.62
CA HIS D 34 -7.66 -33.05 3.71
C HIS D 34 -7.91 -34.44 3.16
N TRP D 35 -7.41 -35.44 3.89
CA TRP D 35 -7.79 -36.84 3.68
C TRP D 35 -8.54 -37.30 4.92
N VAL D 36 -9.76 -37.80 4.72
CA VAL D 36 -10.58 -38.32 5.80
C VAL D 36 -11.03 -39.71 5.40
N ARG D 37 -10.78 -40.69 6.27
CA ARG D 37 -11.15 -42.08 6.01
C ARG D 37 -12.29 -42.50 6.92
N GLN D 38 -13.08 -43.45 6.43
CA GLN D 38 -14.20 -44.00 7.18
C GLN D 38 -14.10 -45.52 7.11
N ALA D 39 -13.75 -46.14 8.23
CA ALA D 39 -13.68 -47.59 8.29
C ALA D 39 -15.06 -48.19 8.09
N PRO D 40 -15.15 -49.39 7.52
CA PRO D 40 -16.46 -50.00 7.29
C PRO D 40 -17.25 -50.13 8.59
N GLU D 41 -18.51 -49.68 8.54
CA GLU D 41 -19.39 -49.66 9.70
C GLU D 41 -18.77 -48.89 10.87
N LYS D 42 -18.09 -47.80 10.55
CA LYS D 42 -17.44 -46.96 11.55
C LYS D 42 -17.61 -45.50 11.16
N GLY D 43 -17.11 -44.61 12.02
CA GLY D 43 -17.23 -43.19 11.80
C GLY D 43 -16.10 -42.63 10.94
N LEU D 44 -16.09 -41.30 10.84
CA LEU D 44 -15.09 -40.59 10.05
C LEU D 44 -13.84 -40.34 10.89
N GLU D 45 -12.68 -40.38 10.22
CA GLU D 45 -11.41 -40.16 10.88
C GLU D 45 -10.51 -39.32 9.99
N TRP D 46 -10.08 -38.16 10.48
CA TRP D 46 -9.18 -37.30 9.72
C TRP D 46 -7.79 -37.89 9.70
N VAL D 47 -7.15 -37.86 8.52
CA VAL D 47 -5.84 -38.47 8.31
C VAL D 47 -4.75 -37.41 8.20
N ALA D 48 -4.83 -36.53 7.20
CA ALA D 48 -3.76 -35.59 6.92
C ALA D 48 -4.33 -34.32 6.35
N TYR D 49 -3.52 -33.26 6.38
CA TYR D 49 -3.91 -31.96 5.86
C TYR D 49 -2.70 -31.27 5.25
N ILE D 50 -2.81 -30.86 4.00
CA ILE D 50 -1.78 -30.07 3.32
C ILE D 50 -2.39 -28.70 3.02
N SER D 51 -1.70 -27.66 3.44
CA SER D 51 -2.24 -26.30 3.34
C SER D 51 -2.14 -25.80 1.91
N SER D 52 -2.67 -24.60 1.68
CA SER D 52 -2.54 -23.95 0.39
C SER D 52 -1.08 -23.60 0.14
N GLY D 53 -0.55 -24.05 -0.99
CA GLY D 53 0.85 -23.86 -1.29
C GLY D 53 1.79 -24.88 -0.68
N SER D 54 1.26 -25.90 -0.01
CA SER D 54 2.04 -26.98 0.61
C SER D 54 2.94 -26.48 1.73
N GLY D 55 2.68 -25.28 2.26
CA GLY D 55 3.54 -24.74 3.29
C GLY D 55 3.35 -25.33 4.67
N THR D 56 2.19 -25.94 4.92
CA THR D 56 1.89 -26.51 6.23
C THR D 56 1.28 -27.89 6.04
N ILE D 57 1.77 -28.87 6.80
CA ILE D 57 1.29 -30.24 6.72
C ILE D 57 1.07 -30.77 8.13
N TYR D 58 -0.06 -31.44 8.33
CA TYR D 58 -0.37 -32.08 9.60
C TYR D 58 -0.76 -33.53 9.36
N TYR D 59 -0.43 -34.38 10.33
CA TYR D 59 -0.75 -35.80 10.26
C TYR D 59 -1.39 -36.25 11.56
N ALA D 60 -2.24 -37.28 11.46
CA ALA D 60 -2.74 -37.94 12.65
C ALA D 60 -1.67 -38.84 13.24
N ASP D 61 -1.74 -39.04 14.56
CA ASP D 61 -0.75 -39.88 15.22
C ASP D 61 -0.79 -41.32 14.72
N THR D 62 -1.98 -41.82 14.37
CA THR D 62 -2.11 -43.18 13.89
C THR D 62 -1.48 -43.38 12.51
N VAL D 63 -1.19 -42.31 11.78
CA VAL D 63 -0.62 -42.41 10.45
C VAL D 63 0.68 -41.62 10.29
N LYS D 64 1.09 -40.87 11.31
CA LYS D 64 2.29 -40.06 11.19
C LYS D 64 3.52 -40.94 11.04
N GLY D 65 4.36 -40.60 10.06
CA GLY D 65 5.53 -41.39 9.74
C GLY D 65 5.32 -42.45 8.68
N ARG D 66 4.07 -42.82 8.39
CA ARG D 66 3.77 -43.85 7.42
C ARG D 66 3.10 -43.34 6.16
N PHE D 67 2.32 -42.27 6.26
CA PHE D 67 1.62 -41.70 5.11
C PHE D 67 2.32 -40.42 4.65
N THR D 68 2.27 -40.19 3.33
CA THR D 68 2.84 -38.99 2.74
C THR D 68 1.77 -38.31 1.89
N ILE D 69 1.51 -37.05 2.16
CA ILE D 69 0.48 -36.27 1.47
C ILE D 69 1.17 -35.21 0.62
N SER D 70 0.77 -35.10 -0.65
CA SER D 70 1.34 -34.14 -1.56
C SER D 70 0.30 -33.75 -2.59
N ARG D 71 0.51 -32.58 -3.20
CA ARG D 71 -0.41 -32.05 -4.19
C ARG D 71 0.35 -31.59 -5.43
N ASP D 72 -0.31 -31.69 -6.56
CA ASP D 72 0.24 -31.27 -7.86
C ASP D 72 -0.69 -30.21 -8.42
N ASP D 73 -0.44 -28.94 -8.07
CA ASP D 73 -1.32 -27.86 -8.48
C ASP D 73 -1.43 -27.71 -9.99
N PRO D 74 -0.34 -27.75 -10.79
CA PRO D 74 -0.52 -27.68 -12.25
C PRO D 74 -1.37 -28.80 -12.81
N LYS D 75 -1.32 -29.99 -12.24
CA LYS D 75 -2.14 -31.11 -12.67
C LYS D 75 -3.44 -31.22 -11.87
N ASN D 76 -3.62 -30.38 -10.85
CA ASN D 76 -4.84 -30.37 -10.04
C ASN D 76 -5.11 -31.74 -9.43
N THR D 77 -4.07 -32.34 -8.85
CA THR D 77 -4.16 -33.67 -8.26
C THR D 77 -3.62 -33.64 -6.84
N LEU D 78 -4.31 -34.32 -5.93
CA LEU D 78 -3.86 -34.52 -4.57
C LEU D 78 -3.44 -35.97 -4.38
N PHE D 79 -2.30 -36.17 -3.75
CA PHE D 79 -1.72 -37.51 -3.59
C PHE D 79 -1.65 -37.88 -2.12
N LEU D 80 -1.75 -39.18 -1.86
CA LEU D 80 -1.57 -39.74 -0.52
C LEU D 80 -0.76 -41.02 -0.66
N GLN D 81 0.54 -40.94 -0.41
CA GLN D 81 1.42 -42.10 -0.46
C GLN D 81 1.36 -42.81 0.88
N MET D 82 0.87 -44.05 0.87
CA MET D 82 0.70 -44.84 2.08
C MET D 82 1.70 -45.98 2.08
N THR D 83 2.42 -46.13 3.20
CA THR D 83 3.42 -47.18 3.35
C THR D 83 3.21 -47.88 4.68
N SER D 84 3.67 -49.13 4.74
CA SER D 84 3.49 -49.98 5.93
C SER D 84 2.01 -50.11 6.30
N LEU D 85 1.21 -50.51 5.31
CA LEU D 85 -0.23 -50.59 5.49
C LEU D 85 -0.58 -51.72 6.46
N ARG D 86 -1.48 -51.42 7.39
CA ARG D 86 -1.98 -52.37 8.37
C ARG D 86 -3.42 -52.74 8.03
N SER D 87 -3.92 -53.76 8.72
CA SER D 87 -5.33 -54.13 8.55
C SER D 87 -6.26 -53.05 9.08
N GLU D 88 -5.77 -52.16 9.94
CA GLU D 88 -6.55 -51.04 10.44
C GLU D 88 -6.72 -49.93 9.40
N ASP D 89 -5.97 -49.98 8.31
CA ASP D 89 -6.03 -48.95 7.28
C ASP D 89 -7.09 -49.23 6.22
N THR D 90 -7.87 -50.29 6.37
CA THR D 90 -8.95 -50.59 5.43
C THR D 90 -10.11 -49.64 5.69
N ALA D 91 -10.38 -48.77 4.73
CA ALA D 91 -11.44 -47.76 4.88
C ALA D 91 -11.71 -47.16 3.50
N MET D 92 -12.67 -46.23 3.48
CA MET D 92 -12.94 -45.40 2.31
C MET D 92 -12.30 -44.04 2.54
N TYR D 93 -11.42 -43.63 1.63
CA TYR D 93 -10.66 -42.40 1.79
C TYR D 93 -11.31 -41.29 0.97
N TYR D 94 -11.64 -40.19 1.64
CA TYR D 94 -12.34 -39.08 1.02
C TYR D 94 -11.40 -37.89 0.83
N CYS D 95 -11.47 -37.28 -0.34
CA CYS D 95 -10.71 -36.09 -0.67
C CYS D 95 -11.55 -34.87 -0.33
N VAL D 96 -11.09 -34.06 0.62
CA VAL D 96 -11.87 -32.96 1.18
C VAL D 96 -11.09 -31.67 1.03
N ARG D 97 -11.76 -30.62 0.52
CA ARG D 97 -11.16 -29.31 0.37
C ARG D 97 -11.61 -28.39 1.50
N SER D 98 -10.76 -27.41 1.83
CA SER D 98 -11.09 -26.43 2.84
C SER D 98 -10.24 -25.19 2.62
N ILE D 99 -10.89 -24.04 2.57
CA ILE D 99 -10.22 -22.76 2.39
C ILE D 99 -10.42 -21.94 3.66
N TYR D 100 -9.36 -21.25 4.10
CA TYR D 100 -9.35 -20.59 5.40
C TYR D 100 -9.10 -19.11 5.21
N TYR D 101 -10.13 -18.31 5.48
CA TYR D 101 -10.01 -16.87 5.66
C TYR D 101 -11.16 -16.45 6.56
N TYR D 102 -11.28 -15.14 6.79
CA TYR D 102 -12.34 -14.65 7.65
C TYR D 102 -13.70 -14.91 7.00
N GLY D 103 -14.56 -15.63 7.71
CA GLY D 103 -15.90 -15.92 7.22
C GLY D 103 -16.01 -17.04 6.22
N SER D 104 -14.94 -17.79 5.98
CA SER D 104 -14.97 -18.87 5.01
C SER D 104 -15.70 -20.08 5.56
N SER D 105 -15.84 -21.11 4.72
CA SER D 105 -16.51 -22.35 5.09
C SER D 105 -15.57 -23.52 4.80
N PRO D 106 -14.76 -23.91 5.78
CA PRO D 106 -13.91 -25.10 5.59
C PRO D 106 -14.75 -26.36 5.49
N PHE D 107 -14.18 -27.37 4.82
CA PHE D 107 -14.82 -28.67 4.64
C PHE D 107 -16.13 -28.55 3.87
N ASP D 108 -16.21 -27.60 2.94
CA ASP D 108 -17.45 -27.36 2.21
C ASP D 108 -17.77 -28.47 1.23
N PHE D 109 -16.76 -29.11 0.65
CA PHE D 109 -16.98 -30.13 -0.37
C PHE D 109 -16.18 -31.38 -0.03
N TRP D 110 -16.81 -32.54 -0.26
CA TRP D 110 -16.21 -33.83 -0.04
C TRP D 110 -16.20 -34.62 -1.34
N GLY D 111 -15.16 -35.42 -1.53
CA GLY D 111 -15.04 -36.23 -2.72
C GLY D 111 -15.88 -37.50 -2.64
N GLN D 112 -15.92 -38.21 -3.77
CA GLN D 112 -16.69 -39.45 -3.83
C GLN D 112 -16.08 -40.52 -2.93
N GLY D 113 -14.76 -40.60 -2.88
CA GLY D 113 -14.10 -41.57 -2.04
C GLY D 113 -13.62 -42.78 -2.81
N THR D 114 -12.54 -43.39 -2.32
CA THR D 114 -11.98 -44.58 -2.92
C THR D 114 -11.85 -45.66 -1.86
N THR D 115 -12.07 -46.91 -2.27
CA THR D 115 -12.11 -48.06 -1.38
C THR D 115 -10.74 -48.71 -1.32
N LEU D 116 -10.16 -48.78 -0.13
CA LEU D 116 -8.89 -49.45 0.12
C LEU D 116 -9.13 -50.67 1.00
N THR D 117 -8.66 -51.83 0.56
CA THR D 117 -8.82 -53.07 1.29
C THR D 117 -7.46 -53.66 1.62
N VAL D 118 -7.24 -53.96 2.89
CA VAL D 118 -6.01 -54.59 3.36
C VAL D 118 -6.36 -55.96 3.90
N SER D 119 -5.68 -56.99 3.40
CA SER D 119 -5.95 -58.36 3.82
C SER D 119 -5.27 -58.68 5.15
N ASP D 136 -5.45 -34.72 22.57
CA ASP D 136 -6.58 -34.89 21.66
C ASP D 136 -7.89 -34.46 22.32
N ILE D 137 -8.78 -33.86 21.53
CA ILE D 137 -10.11 -33.48 21.98
C ILE D 137 -11.09 -34.57 21.55
N VAL D 138 -11.90 -35.03 22.49
CA VAL D 138 -12.83 -36.13 22.26
C VAL D 138 -14.22 -35.56 22.04
N MET D 139 -14.84 -35.93 20.92
CA MET D 139 -16.20 -35.51 20.61
C MET D 139 -17.15 -36.67 20.94
N THR D 140 -18.12 -36.41 21.80
CA THR D 140 -19.01 -37.44 22.31
C THR D 140 -20.40 -37.26 21.72
N GLN D 141 -20.89 -38.29 21.04
CA GLN D 141 -22.28 -38.36 20.56
C GLN D 141 -22.88 -39.62 21.17
N ALA D 142 -23.47 -39.46 22.36
CA ALA D 142 -23.93 -40.62 23.12
C ALA D 142 -25.02 -41.38 22.39
N THR D 143 -25.98 -40.66 21.80
CA THR D 143 -27.11 -41.30 21.14
C THR D 143 -26.70 -41.70 19.72
N SER D 144 -26.50 -42.99 19.50
CA SER D 144 -26.06 -43.46 18.19
C SER D 144 -27.20 -43.49 17.17
N SER D 145 -28.41 -43.82 17.61
CA SER D 145 -29.56 -43.93 16.73
C SER D 145 -30.75 -43.20 17.34
N VAL D 146 -31.57 -42.62 16.48
CA VAL D 146 -32.76 -41.89 16.90
C VAL D 146 -33.92 -42.26 15.97
N PRO D 147 -35.03 -42.77 16.50
CA PRO D 147 -36.21 -42.98 15.66
C PRO D 147 -36.88 -41.66 15.32
N VAL D 148 -37.08 -41.41 14.03
CA VAL D 148 -37.61 -40.14 13.55
C VAL D 148 -38.77 -40.39 12.60
N THR D 149 -39.61 -39.38 12.45
CA THR D 149 -40.74 -39.38 11.54
C THR D 149 -40.74 -38.11 10.71
N PRO D 150 -41.20 -38.17 9.47
CA PRO D 150 -41.22 -36.96 8.63
C PRO D 150 -42.09 -35.88 9.24
N GLY D 151 -41.63 -34.63 9.09
CA GLY D 151 -42.37 -33.49 9.59
C GLY D 151 -42.20 -33.21 11.06
N GLU D 152 -41.35 -33.97 11.76
CA GLU D 152 -41.15 -33.81 13.19
C GLU D 152 -39.73 -33.31 13.47
N SER D 153 -39.64 -32.34 14.38
CA SER D 153 -38.35 -31.72 14.68
C SER D 153 -37.45 -32.68 15.44
N VAL D 154 -36.19 -32.77 15.03
CA VAL D 154 -35.21 -33.68 15.61
C VAL D 154 -34.02 -32.87 16.09
N SER D 155 -33.57 -33.15 17.31
CA SER D 155 -32.43 -32.46 17.90
C SER D 155 -31.32 -33.47 18.17
N ILE D 156 -30.09 -33.12 17.79
CA ILE D 156 -28.91 -33.95 17.98
C ILE D 156 -27.91 -33.17 18.81
N SER D 157 -27.39 -33.80 19.86
CA SER D 157 -26.50 -33.16 20.81
C SER D 157 -25.07 -33.67 20.63
N CYS D 158 -24.11 -32.81 20.97
CA CYS D 158 -22.70 -33.14 20.88
C CYS D 158 -22.00 -32.61 22.11
N ARG D 159 -20.90 -33.25 22.48
CA ARG D 159 -20.12 -32.85 23.64
C ARG D 159 -18.64 -32.87 23.28
N SER D 160 -17.86 -32.02 23.96
CA SER D 160 -16.43 -31.93 23.75
C SER D 160 -15.71 -31.95 25.09
N SER D 161 -14.55 -32.62 25.11
CA SER D 161 -13.75 -32.64 26.34
C SER D 161 -13.19 -31.27 26.67
N LYS D 162 -12.88 -30.46 25.65
CA LYS D 162 -12.32 -29.14 25.85
C LYS D 162 -13.29 -28.08 25.33
N SER D 163 -13.25 -26.90 25.94
CA SER D 163 -14.10 -25.80 25.52
C SER D 163 -13.68 -25.33 24.14
N LEU D 164 -14.57 -25.45 23.17
CA LEU D 164 -14.28 -25.09 21.78
C LEU D 164 -14.38 -23.59 21.52
N LEU D 165 -14.86 -22.80 22.48
CA LEU D 165 -14.95 -21.35 22.32
C LEU D 165 -13.56 -20.74 22.51
N HIS D 166 -12.99 -20.21 21.43
CA HIS D 166 -11.68 -19.59 21.49
C HIS D 166 -11.80 -18.15 22.01
N SER D 167 -10.64 -17.56 22.30
CA SER D 167 -10.61 -16.20 22.83
C SER D 167 -11.01 -15.16 21.78
N ASN D 168 -10.99 -15.51 20.50
CA ASN D 168 -11.40 -14.58 19.45
C ASN D 168 -12.91 -14.55 19.23
N GLY D 169 -13.67 -15.25 20.06
CA GLY D 169 -15.11 -15.27 19.96
C GLY D 169 -15.69 -16.40 19.14
N ASN D 170 -14.87 -17.12 18.37
CA ASN D 170 -15.33 -18.19 17.52
C ASN D 170 -15.40 -19.50 18.30
N THR D 171 -16.45 -20.27 18.04
CA THR D 171 -16.61 -21.62 18.56
C THR D 171 -16.50 -22.59 17.39
N TYR D 172 -15.40 -23.33 17.32
CA TYR D 172 -15.09 -24.14 16.14
C TYR D 172 -15.73 -25.52 16.29
N LEU D 173 -16.99 -25.61 15.85
CA LEU D 173 -17.70 -26.87 15.77
C LEU D 173 -18.34 -26.99 14.39
N TYR D 174 -18.21 -28.16 13.78
CA TYR D 174 -18.72 -28.40 12.44
C TYR D 174 -19.67 -29.59 12.46
N TRP D 175 -20.73 -29.50 11.65
CA TRP D 175 -21.73 -30.55 11.54
C TRP D 175 -21.72 -31.10 10.13
N PHE D 176 -21.72 -32.43 10.02
CA PHE D 176 -21.73 -33.10 8.73
C PHE D 176 -22.87 -34.11 8.68
N LEU D 177 -23.43 -34.28 7.49
CA LEU D 177 -24.49 -35.26 7.25
C LEU D 177 -24.05 -36.19 6.13
N GLN D 178 -24.03 -37.48 6.42
CA GLN D 178 -23.65 -38.50 5.44
C GLN D 178 -24.88 -39.34 5.12
N ARG D 179 -25.49 -39.07 3.98
CA ARG D 179 -26.59 -39.90 3.51
C ARG D 179 -26.06 -41.27 3.11
N PRO D 180 -26.88 -42.32 3.23
CA PRO D 180 -26.38 -43.66 2.93
C PRO D 180 -25.97 -43.79 1.47
N GLY D 181 -24.73 -44.23 1.25
CA GLY D 181 -24.19 -44.39 -0.07
C GLY D 181 -23.58 -43.15 -0.68
N GLN D 182 -23.50 -42.05 0.05
CA GLN D 182 -22.98 -40.80 -0.47
C GLN D 182 -21.93 -40.23 0.48
N SER D 183 -21.17 -39.27 -0.04
CA SER D 183 -20.15 -38.59 0.74
C SER D 183 -20.78 -37.70 1.80
N PRO D 184 -20.06 -37.41 2.89
CA PRO D 184 -20.59 -36.48 3.89
C PRO D 184 -20.74 -35.09 3.32
N GLN D 185 -21.69 -34.35 3.87
CA GLN D 185 -22.02 -33.00 3.41
C GLN D 185 -21.99 -32.04 4.59
N LEU D 186 -21.32 -30.91 4.42
CA LEU D 186 -21.24 -29.92 5.48
C LEU D 186 -22.59 -29.23 5.66
N LEU D 187 -23.05 -29.16 6.91
CA LEU D 187 -24.28 -28.46 7.25
C LEU D 187 -23.99 -27.16 8.00
N ILE D 188 -23.28 -27.23 9.12
CA ILE D 188 -23.01 -26.08 9.97
C ILE D 188 -21.51 -25.97 10.16
N TYR D 189 -20.97 -24.77 10.05
CA TYR D 189 -19.57 -24.50 10.34
C TYR D 189 -19.46 -23.43 11.42
N ARG D 190 -18.51 -23.62 12.32
CA ARG D 190 -18.30 -22.75 13.48
C ARG D 190 -19.56 -22.66 14.33
N MET D 191 -20.30 -23.78 14.40
CA MET D 191 -21.32 -24.06 15.41
C MET D 191 -22.61 -23.25 15.22
N SER D 192 -22.60 -22.26 14.34
CA SER D 192 -23.79 -21.44 14.16
C SER D 192 -24.14 -21.11 12.71
N ASN D 193 -23.19 -21.16 11.78
CA ASN D 193 -23.41 -20.67 10.43
C ASN D 193 -23.88 -21.79 9.52
N LEU D 194 -24.96 -21.54 8.79
CA LEU D 194 -25.52 -22.52 7.87
C LEU D 194 -24.74 -22.50 6.56
N ALA D 195 -24.33 -23.67 6.10
CA ALA D 195 -23.53 -23.77 4.89
C ALA D 195 -24.38 -23.43 3.67
N SER D 196 -23.69 -23.04 2.59
CA SER D 196 -24.37 -22.69 1.35
C SER D 196 -24.99 -23.94 0.73
N GLY D 197 -26.20 -23.79 0.19
CA GLY D 197 -26.91 -24.89 -0.40
C GLY D 197 -27.62 -25.80 0.56
N VAL D 198 -27.62 -25.49 1.85
CA VAL D 198 -28.25 -26.30 2.88
C VAL D 198 -29.61 -25.67 3.21
N PRO D 199 -30.68 -26.45 3.31
CA PRO D 199 -31.99 -25.87 3.66
C PRO D 199 -31.95 -25.18 5.02
N ASP D 200 -32.74 -24.11 5.12
CA ASP D 200 -32.74 -23.27 6.32
C ASP D 200 -33.30 -23.98 7.55
N ARG D 201 -33.92 -25.15 7.39
CA ARG D 201 -34.50 -25.84 8.53
C ARG D 201 -33.42 -26.31 9.50
N PHE D 202 -32.21 -26.60 9.00
CA PHE D 202 -31.11 -26.95 9.88
C PHE D 202 -30.62 -25.72 10.64
N SER D 203 -30.37 -25.89 11.93
CA SER D 203 -29.87 -24.80 12.76
C SER D 203 -29.00 -25.38 13.86
N GLY D 204 -27.93 -24.68 14.19
CA GLY D 204 -27.00 -25.11 15.22
C GLY D 204 -26.90 -24.10 16.34
N SER D 205 -26.84 -24.60 17.57
CA SER D 205 -26.67 -23.77 18.75
C SER D 205 -25.82 -24.51 19.77
N GLY D 206 -25.13 -23.76 20.61
CA GLY D 206 -24.30 -24.37 21.64
C GLY D 206 -23.63 -23.31 22.47
N SER D 207 -22.94 -23.78 23.51
CA SER D 207 -22.23 -22.89 24.42
C SER D 207 -21.18 -23.71 25.15
N GLY D 208 -19.93 -23.27 25.09
CA GLY D 208 -18.85 -23.97 25.76
C GLY D 208 -18.57 -25.35 25.21
N THR D 209 -18.91 -26.39 25.97
CA THR D 209 -18.62 -27.76 25.59
C THR D 209 -19.85 -28.54 25.13
N ALA D 210 -21.03 -27.94 25.17
CA ALA D 210 -22.27 -28.61 24.77
C ALA D 210 -22.88 -27.88 23.58
N PHE D 211 -23.27 -28.64 22.57
CA PHE D 211 -23.84 -28.08 21.36
C PHE D 211 -25.04 -28.92 20.92
N THR D 212 -25.90 -28.29 20.12
CA THR D 212 -27.12 -28.96 19.64
C THR D 212 -27.33 -28.63 18.17
N LEU D 213 -27.81 -29.61 17.41
CA LEU D 213 -28.22 -29.43 16.02
C LEU D 213 -29.72 -29.73 15.94
N THR D 214 -30.49 -28.75 15.46
CA THR D 214 -31.94 -28.88 15.36
C THR D 214 -32.34 -29.03 13.90
N ILE D 215 -33.19 -30.00 13.62
CA ILE D 215 -33.67 -30.28 12.26
C ILE D 215 -35.18 -30.16 12.30
N SER D 216 -35.68 -28.97 11.97
CA SER D 216 -37.12 -28.73 11.99
C SER D 216 -37.75 -29.23 10.69
N ARG D 217 -38.94 -29.83 10.83
CA ARG D 217 -39.68 -30.40 9.70
C ARG D 217 -38.82 -31.41 8.94
N LEU D 218 -38.44 -32.47 9.64
CA LEU D 218 -37.57 -33.48 9.05
C LEU D 218 -38.23 -34.11 7.83
N GLU D 219 -37.42 -34.37 6.81
CA GLU D 219 -37.87 -34.95 5.55
C GLU D 219 -37.14 -36.28 5.31
N ALA D 220 -37.42 -36.88 4.16
CA ALA D 220 -36.77 -38.14 3.81
C ALA D 220 -35.28 -37.93 3.56
N GLU D 221 -34.92 -36.81 2.93
CA GLU D 221 -33.52 -36.56 2.61
C GLU D 221 -32.66 -36.30 3.85
N ASP D 222 -33.29 -35.94 4.97
CA ASP D 222 -32.56 -35.70 6.21
C ASP D 222 -32.08 -36.99 6.87
N VAL D 223 -32.51 -38.15 6.37
CA VAL D 223 -32.08 -39.42 6.94
C VAL D 223 -30.61 -39.63 6.68
N GLY D 224 -29.84 -39.88 7.73
CA GLY D 224 -28.42 -40.09 7.58
C GLY D 224 -27.74 -40.06 8.94
N VAL D 225 -26.41 -40.10 8.90
CA VAL D 225 -25.58 -40.07 10.09
C VAL D 225 -24.99 -38.68 10.25
N TYR D 226 -25.07 -38.13 11.46
CA TYR D 226 -24.64 -36.77 11.74
C TYR D 226 -23.42 -36.80 12.65
N TYR D 227 -22.33 -36.18 12.20
CA TYR D 227 -21.09 -36.11 12.95
C TYR D 227 -20.81 -34.67 13.35
N CYS D 228 -20.30 -34.48 14.56
CA CYS D 228 -19.79 -33.19 15.00
C CYS D 228 -18.27 -33.24 15.04
N MET D 229 -17.63 -32.31 14.35
CA MET D 229 -16.19 -32.23 14.25
C MET D 229 -15.72 -30.92 14.88
N GLN D 230 -14.57 -30.98 15.56
CA GLN D 230 -13.94 -29.80 16.13
C GLN D 230 -12.78 -29.35 15.25
N HIS D 231 -12.63 -28.04 15.11
CA HIS D 231 -11.51 -27.47 14.36
C HIS D 231 -10.73 -26.47 15.21
N LEU D 232 -10.85 -26.56 16.54
CA LEU D 232 -10.13 -25.65 17.42
C LEU D 232 -8.62 -25.86 17.31
N GLU D 233 -8.19 -27.11 17.23
CA GLU D 233 -6.77 -27.42 17.11
C GLU D 233 -6.61 -28.79 16.49
N TYR D 234 -5.45 -29.02 15.89
CA TYR D 234 -5.15 -30.33 15.33
C TYR D 234 -4.68 -31.28 16.42
N PRO D 235 -4.99 -32.58 16.29
CA PRO D 235 -5.69 -33.26 15.19
C PRO D 235 -7.19 -32.98 15.16
N LEU D 236 -7.82 -33.11 14.00
CA LEU D 236 -9.25 -32.90 13.87
C LEU D 236 -9.98 -34.19 14.19
N THR D 237 -10.83 -34.15 15.21
CA THR D 237 -11.52 -35.33 15.72
C THR D 237 -13.02 -35.18 15.50
N PHE D 238 -13.65 -36.24 15.00
CA PHE D 238 -15.08 -36.28 14.77
C PHE D 238 -15.78 -36.93 15.96
N GLY D 239 -17.11 -36.92 15.92
CA GLY D 239 -17.90 -37.65 16.88
C GLY D 239 -18.14 -39.10 16.45
N ALA D 240 -18.78 -39.84 17.34
CA ALA D 240 -19.10 -41.23 17.05
C ALA D 240 -20.08 -41.35 15.89
N GLY D 241 -21.07 -40.45 15.84
CA GLY D 241 -22.06 -40.45 14.79
C GLY D 241 -23.45 -40.77 15.29
N THR D 242 -24.42 -39.93 14.94
CA THR D 242 -25.81 -40.10 15.33
C THR D 242 -26.63 -40.40 14.08
N LYS D 243 -27.33 -41.52 14.07
CA LYS D 243 -28.09 -41.97 12.91
C LYS D 243 -29.56 -41.69 13.11
N LEU D 244 -30.18 -41.07 12.11
CA LEU D 244 -31.62 -40.83 12.10
C LEU D 244 -32.27 -41.85 11.17
N GLU D 245 -33.25 -42.58 11.70
CA GLU D 245 -33.91 -43.65 10.94
C GLU D 245 -35.41 -43.50 11.09
N LEU D 246 -36.12 -43.80 10.00
CA LEU D 246 -37.58 -43.70 9.97
C LEU D 246 -38.22 -44.82 10.78
N ASN E 111 49.83 5.37 30.39
CA ASN E 111 50.40 6.63 29.94
C ASN E 111 49.53 7.27 28.86
N ARG E 112 49.78 6.88 27.60
CA ARG E 112 49.00 7.41 26.49
C ARG E 112 47.56 6.94 26.53
N LEU E 113 47.26 5.85 27.24
CA LEU E 113 45.91 5.33 27.36
C LEU E 113 45.27 5.83 28.65
N SER E 114 43.96 6.10 28.57
CA SER E 114 43.23 6.61 29.71
C SER E 114 41.76 6.25 29.56
N VAL E 115 41.02 6.37 30.67
CA VAL E 115 39.60 6.07 30.65
C VAL E 115 38.86 7.06 29.77
N PHE E 116 39.20 8.34 29.87
CA PHE E 116 38.43 9.38 29.20
C PHE E 116 38.54 9.30 27.68
N PHE E 117 39.65 8.76 27.16
CA PHE E 117 39.80 8.68 25.71
C PHE E 117 38.74 7.79 25.09
N SER E 118 38.47 6.64 25.69
CA SER E 118 37.42 5.76 25.17
C SER E 118 36.02 6.26 25.52
N VAL E 119 35.86 6.88 26.69
CA VAL E 119 34.54 7.40 27.08
C VAL E 119 34.11 8.51 26.14
N ILE E 120 35.02 9.43 25.80
CA ILE E 120 34.68 10.54 24.91
C ILE E 120 34.33 10.01 23.53
N PHE E 121 35.13 9.07 23.01
CA PHE E 121 34.83 8.51 21.70
C PHE E 121 33.51 7.76 21.71
N MET E 122 33.24 7.02 22.79
CA MET E 122 31.96 6.32 22.92
C MET E 122 30.81 7.31 23.03
N THR E 123 30.99 8.37 23.83
CA THR E 123 29.93 9.37 24.00
C THR E 123 29.62 10.07 22.70
N VAL E 124 30.65 10.59 22.02
CA VAL E 124 30.43 11.33 20.78
C VAL E 124 29.97 10.40 19.67
N GLY E 125 30.54 9.20 19.61
CA GLY E 125 30.17 8.26 18.55
C GLY E 125 28.73 7.81 18.63
N ILE E 126 28.22 7.62 19.86
CA ILE E 126 26.83 7.22 20.02
C ILE E 126 25.90 8.37 19.67
N LEU E 127 26.23 9.58 20.12
CA LEU E 127 25.37 10.73 19.84
C LEU E 127 25.30 11.02 18.34
N SER E 128 26.43 10.91 17.64
CA SER E 128 26.44 11.17 16.20
C SER E 128 25.58 10.16 15.45
N ASN E 129 25.66 8.88 15.82
CA ASN E 129 24.89 7.86 15.13
C ASN E 129 23.42 7.89 15.52
N SER E 130 23.11 8.25 16.78
CA SER E 130 21.72 8.37 17.17
C SER E 130 21.02 9.48 16.39
N LEU E 131 21.70 10.60 16.19
CA LEU E 131 21.14 11.70 15.42
C LEU E 131 20.92 11.30 13.97
N ALA E 132 21.86 10.54 13.39
CA ALA E 132 21.72 10.12 12.00
C ALA E 132 20.59 9.11 11.83
N ILE E 133 20.37 8.26 12.83
CA ILE E 133 19.27 7.30 12.76
C ILE E 133 17.92 8.03 12.75
N ALA E 134 17.76 9.03 13.63
CA ALA E 134 16.51 9.78 13.67
C ALA E 134 16.25 10.50 12.36
N ILE E 135 17.29 11.08 11.77
CA ILE E 135 17.13 11.78 10.50
C ILE E 135 16.87 10.80 9.37
N LEU E 136 17.53 9.65 9.38
CA LEU E 136 17.26 8.63 8.38
C LEU E 136 15.88 8.01 8.53
N MET E 137 15.29 8.07 9.73
CA MET E 137 13.93 7.57 9.90
C MET E 137 12.93 8.43 9.14
N LYS E 138 12.98 9.75 9.33
CA LYS E 138 12.06 10.63 8.64
C LYS E 138 12.35 10.68 7.14
N ALA E 139 13.63 10.70 6.77
CA ALA E 139 13.98 10.82 5.35
C ALA E 139 13.52 9.60 4.56
N TYR E 140 13.67 8.40 5.13
CA TYR E 140 13.32 7.19 4.38
C TYR E 140 11.84 7.14 4.04
N GLN E 141 10.98 7.57 4.96
CA GLN E 141 9.55 7.56 4.69
C GLN E 141 9.20 8.47 3.53
N ARG E 142 9.87 9.63 3.45
CA ARG E 142 9.63 10.55 2.33
C ARG E 142 10.09 9.94 1.00
N PHE E 143 11.27 9.31 0.99
CA PHE E 143 11.87 8.84 -0.24
C PHE E 143 11.45 7.43 -0.64
N ARG E 144 10.87 6.66 0.27
CA ARG E 144 10.41 5.33 -0.11
C ARG E 144 9.20 5.39 -1.04
N GLN E 145 8.50 6.52 -1.07
CA GLN E 145 7.38 6.68 -1.99
C GLN E 145 7.85 6.95 -3.41
N LYS E 146 8.95 7.69 -3.56
CA LYS E 146 9.46 8.01 -4.89
C LYS E 146 10.09 6.80 -5.55
N SER E 147 10.93 6.07 -4.81
CA SER E 147 11.59 4.88 -5.34
C SER E 147 11.88 3.95 -4.17
N LYS E 148 12.66 2.89 -4.43
CA LYS E 148 12.97 1.93 -3.38
C LYS E 148 13.89 2.50 -2.31
N ALA E 149 14.54 3.63 -2.57
CA ALA E 149 15.43 4.29 -1.61
C ALA E 149 16.51 3.33 -1.12
N SER E 150 17.21 2.72 -2.08
CA SER E 150 18.21 1.71 -1.75
C SER E 150 19.37 2.29 -0.96
N PHE E 151 19.77 3.53 -1.27
CA PHE E 151 20.85 4.17 -0.52
C PHE E 151 20.46 4.38 0.94
N LEU E 152 19.21 4.78 1.19
CA LEU E 152 18.78 5.02 2.56
C LEU E 152 18.70 3.74 3.37
N LEU E 153 18.42 2.60 2.73
CA LEU E 153 18.45 1.34 3.42
C LEU E 153 19.87 0.98 3.86
N LEU E 154 20.83 1.07 2.94
CA LEU E 154 22.21 0.77 3.27
C LEU E 154 22.77 1.75 4.28
N ALA E 155 22.45 3.04 4.11
CA ALA E 155 22.92 4.05 5.06
C ALA E 155 22.34 3.82 6.45
N SER E 156 21.08 3.36 6.52
CA SER E 156 20.49 3.05 7.81
C SER E 156 21.22 1.90 8.49
N GLY E 157 21.55 0.87 7.72
CA GLY E 157 22.30 -0.24 8.29
C GLY E 157 23.68 0.16 8.76
N LEU E 158 24.36 1.01 7.99
CA LEU E 158 25.69 1.46 8.35
C LEU E 158 25.68 2.22 9.68
N VAL E 159 24.72 3.12 9.86
CA VAL E 159 24.66 3.89 11.10
C VAL E 159 24.21 3.00 12.26
N ILE E 160 23.27 2.09 12.01
CA ILE E 160 22.84 1.16 13.06
C ILE E 160 23.98 0.26 13.48
N THR E 161 24.73 -0.27 12.52
CA THR E 161 25.87 -1.13 12.85
C THR E 161 26.93 -0.36 13.62
N ASP E 162 27.23 0.88 13.20
CA ASP E 162 28.20 1.68 13.92
C ASP E 162 27.71 2.04 15.31
N PHE E 163 26.40 2.18 15.49
CA PHE E 163 25.87 2.48 16.83
C PHE E 163 26.17 1.35 17.80
N PHE E 164 26.00 0.10 17.36
CA PHE E 164 26.31 -1.03 18.23
C PHE E 164 27.80 -1.18 18.45
N GLY E 165 28.62 -0.87 17.43
CA GLY E 165 30.06 -0.95 17.61
C GLY E 165 30.57 0.02 18.67
N HIS E 166 30.06 1.24 18.66
CA HIS E 166 30.45 2.20 19.70
C HIS E 166 29.86 1.82 21.06
N LEU E 167 28.72 1.14 21.06
CA LEU E 167 28.06 0.81 22.32
C LEU E 167 28.64 -0.45 22.94
N ILE E 168 28.69 -1.54 22.17
CA ILE E 168 29.16 -2.82 22.72
C ILE E 168 30.63 -2.73 23.09
N ASN E 169 31.47 -2.26 22.17
CA ASN E 169 32.91 -2.20 22.45
C ASN E 169 33.24 -1.10 23.45
N GLY E 170 32.52 0.01 23.40
CA GLY E 170 32.77 1.09 24.35
C GLY E 170 32.43 0.71 25.77
N ALA E 171 31.32 0.00 25.96
CA ALA E 171 30.91 -0.38 27.31
C ALA E 171 31.91 -1.34 27.95
N ILE E 172 32.42 -2.29 27.18
CA ILE E 172 33.38 -3.24 27.72
C ILE E 172 34.66 -2.53 28.17
N ALA E 173 35.14 -1.59 27.35
CA ALA E 173 36.39 -0.90 27.66
C ALA E 173 36.30 -0.12 28.96
N VAL E 174 35.17 0.56 29.19
CA VAL E 174 34.99 1.34 30.41
C VAL E 174 35.03 0.42 31.63
N PHE E 175 34.39 -0.74 31.53
CA PHE E 175 34.44 -1.71 32.62
C PHE E 175 35.87 -2.22 32.83
N VAL E 176 36.60 -2.46 31.74
CA VAL E 176 37.98 -2.93 31.86
C VAL E 176 38.85 -1.88 32.53
N TYR E 177 38.70 -0.61 32.13
CA TYR E 177 39.44 0.47 32.78
C TYR E 177 39.04 0.60 34.24
N ALA E 178 37.75 0.46 34.55
CA ALA E 178 37.30 0.51 35.93
C ALA E 178 37.74 -0.69 36.73
N SER E 179 38.12 -1.78 36.06
CA SER E 179 38.59 -2.99 36.73
C SER E 179 40.11 -3.03 36.85
N ASP E 180 40.80 -1.94 36.54
CA ASP E 180 42.26 -1.86 36.62
C ASP E 180 42.94 -2.87 35.69
N LYS E 181 42.28 -3.21 34.59
CA LYS E 181 42.82 -4.09 33.54
C LYS E 181 43.21 -5.46 34.07
N GLU E 182 42.60 -5.89 35.17
CA GLU E 182 42.91 -7.19 35.77
C GLU E 182 42.07 -8.26 35.07
N TRP E 183 42.53 -8.63 33.88
CA TRP E 183 41.81 -9.64 33.10
C TRP E 183 41.89 -11.02 33.75
N ILE E 184 42.99 -11.32 34.43
CA ILE E 184 43.12 -12.63 35.09
C ILE E 184 42.11 -12.76 36.21
N ARG E 185 41.93 -11.70 37.01
CA ARG E 185 41.05 -11.77 38.17
C ARG E 185 39.58 -11.75 37.81
N PHE E 186 39.22 -11.20 36.65
CA PHE E 186 37.82 -11.03 36.27
C PHE E 186 37.42 -11.78 35.01
N ASP E 187 38.37 -12.29 34.23
CA ASP E 187 38.08 -13.02 33.00
C ASP E 187 38.92 -14.29 32.96
N GLN E 188 38.94 -15.04 34.06
CA GLN E 188 39.73 -16.25 34.13
C GLN E 188 39.28 -17.29 33.10
N SER E 189 37.96 -17.34 32.85
CA SER E 189 37.42 -18.27 31.88
C SER E 189 37.61 -17.82 30.43
N ASN E 190 38.13 -16.60 30.22
CA ASN E 190 38.38 -16.03 28.90
C ASN E 190 37.10 -15.86 28.08
N VAL E 191 35.95 -15.77 28.76
CA VAL E 191 34.69 -15.56 28.05
C VAL E 191 34.63 -14.13 27.49
N LEU E 192 35.00 -13.15 28.30
CA LEU E 192 34.87 -11.76 27.89
C LEU E 192 35.76 -11.42 26.71
N CYS E 193 37.01 -11.91 26.72
CA CYS E 193 37.96 -11.57 25.66
C CYS E 193 37.52 -12.14 24.31
N SER E 194 37.02 -13.38 24.30
CA SER E 194 36.54 -13.95 23.05
C SER E 194 35.35 -13.18 22.50
N ILE E 195 34.43 -12.78 23.39
CA ILE E 195 33.33 -11.91 22.97
C ILE E 195 33.86 -10.56 22.51
N PHE E 196 34.84 -10.02 23.24
CA PHE E 196 35.44 -8.75 22.85
C PHE E 196 36.09 -8.84 21.48
N GLY E 197 36.81 -9.94 21.21
CA GLY E 197 37.47 -10.08 19.93
C GLY E 197 36.49 -10.18 18.77
N ILE E 198 35.38 -10.89 18.96
CA ILE E 198 34.39 -11.03 17.90
C ILE E 198 33.76 -9.69 17.58
N CYS E 199 33.42 -8.91 18.61
CA CYS E 199 32.80 -7.61 18.39
C CYS E 199 33.75 -6.66 17.66
N MET E 200 35.03 -6.67 18.02
CA MET E 200 35.98 -5.78 17.38
C MET E 200 36.12 -6.07 15.89
N VAL E 201 36.15 -7.36 15.53
CA VAL E 201 36.26 -7.73 14.12
C VAL E 201 35.00 -7.31 13.37
N PHE E 202 33.82 -7.58 13.95
CA PHE E 202 32.58 -7.21 13.28
C PHE E 202 32.41 -5.70 13.22
N SER E 203 32.79 -4.99 14.28
CA SER E 203 32.61 -3.54 14.31
C SER E 203 33.49 -2.81 13.31
N GLY E 204 34.51 -3.48 12.77
CA GLY E 204 35.38 -2.85 11.81
C GLY E 204 35.23 -3.38 10.40
N LEU E 205 34.97 -4.68 10.27
CA LEU E 205 34.84 -5.28 8.95
C LEU E 205 33.50 -4.96 8.30
N CYS E 206 32.47 -4.71 9.10
CA CYS E 206 31.14 -4.44 8.55
C CYS E 206 31.04 -3.02 7.97
N PRO E 207 31.50 -1.98 8.66
CA PRO E 207 31.48 -0.65 8.03
C PRO E 207 32.27 -0.57 6.74
N LEU E 208 33.39 -1.29 6.65
CA LEU E 208 34.17 -1.28 5.42
C LEU E 208 33.44 -1.99 4.29
N LEU E 209 32.80 -3.13 4.59
CA LEU E 209 32.07 -3.86 3.55
C LEU E 209 30.81 -3.13 3.13
N LEU E 210 30.11 -2.51 4.09
CA LEU E 210 28.93 -1.72 3.74
C LEU E 210 29.30 -0.54 2.85
N GLY E 211 30.40 0.15 3.18
CA GLY E 211 30.83 1.24 2.33
C GLY E 211 31.20 0.79 0.93
N SER E 212 31.78 -0.41 0.81
CA SER E 212 32.09 -0.94 -0.51
C SER E 212 30.82 -1.23 -1.32
N VAL E 213 29.81 -1.80 -0.68
CA VAL E 213 28.54 -2.07 -1.35
C VAL E 213 27.81 -0.77 -1.63
N MET E 214 27.84 0.18 -0.69
CA MET E 214 27.21 1.46 -0.91
C MET E 214 27.84 2.22 -2.08
N ALA E 215 29.12 1.96 -2.36
CA ALA E 215 29.77 2.57 -3.52
C ALA E 215 29.31 1.91 -4.81
N ILE E 216 29.19 0.58 -4.81
CA ILE E 216 28.77 -0.13 -6.02
C ILE E 216 27.31 0.18 -6.33
N GLU E 217 26.47 0.26 -5.30
CA GLU E 217 25.05 0.53 -5.51
C GLU E 217 24.84 1.90 -6.15
N ARG E 218 25.55 2.92 -5.66
CA ARG E 218 25.40 4.26 -6.20
C ARG E 218 26.20 4.47 -7.48
N CYS E 219 27.17 3.59 -7.77
CA CYS E 219 27.81 3.64 -9.08
C CYS E 219 26.86 3.16 -10.17
N ILE E 220 26.09 2.10 -9.90
CA ILE E 220 25.08 1.65 -10.84
C ILE E 220 23.95 2.68 -10.93
N GLY E 221 23.59 3.28 -9.81
CA GLY E 221 22.52 4.26 -9.80
C GLY E 221 22.83 5.52 -10.58
N VAL E 222 24.10 5.83 -10.78
CA VAL E 222 24.52 7.01 -11.53
C VAL E 222 24.89 6.66 -12.97
N THR E 223 25.67 5.60 -13.16
CA THR E 223 26.13 5.25 -14.49
C THR E 223 25.03 4.61 -15.33
N LYS E 224 24.17 3.80 -14.70
CA LYS E 224 23.06 3.13 -15.38
C LYS E 224 21.80 3.31 -14.55
N PRO E 225 21.25 4.52 -14.50
CA PRO E 225 20.07 4.76 -13.65
C PRO E 225 18.85 3.96 -14.05
N ILE E 226 18.68 3.65 -15.35
CA ILE E 226 17.52 2.86 -15.76
C ILE E 226 17.66 1.42 -15.28
N PHE E 227 18.84 0.83 -15.46
CA PHE E 227 19.07 -0.53 -14.98
C PHE E 227 18.90 -0.63 -13.48
N HIS E 228 19.42 0.37 -12.75
CA HIS E 228 19.30 0.38 -11.29
C HIS E 228 17.85 0.48 -10.83
N SER E 229 16.96 0.96 -11.70
CA SER E 229 15.56 1.18 -11.35
C SER E 229 14.64 0.06 -11.83
N THR E 230 14.90 -0.51 -13.00
CA THR E 230 14.03 -1.53 -13.57
C THR E 230 14.48 -2.95 -13.25
N LYS E 231 15.76 -3.16 -12.95
CA LYS E 231 16.29 -4.50 -12.70
C LYS E 231 16.57 -4.77 -11.22
N ILE E 232 17.19 -3.82 -10.52
CA ILE E 232 17.49 -4.00 -9.11
C ILE E 232 16.21 -3.75 -8.31
N THR E 233 15.85 -4.70 -7.46
CA THR E 233 14.63 -4.65 -6.68
C THR E 233 14.96 -4.38 -5.21
N SER E 234 13.91 -4.12 -4.43
CA SER E 234 14.09 -3.88 -3.01
C SER E 234 14.57 -5.15 -2.29
N LYS E 235 14.22 -6.32 -2.81
CA LYS E 235 14.69 -7.56 -2.21
C LYS E 235 16.20 -7.69 -2.33
N HIS E 236 16.76 -7.32 -3.48
CA HIS E 236 18.20 -7.44 -3.68
C HIS E 236 18.96 -6.55 -2.72
N VAL E 237 18.46 -5.34 -2.46
CA VAL E 237 19.15 -4.43 -1.56
C VAL E 237 19.18 -4.98 -0.14
N LYS E 238 18.07 -5.58 0.30
CA LYS E 238 18.04 -6.16 1.64
C LYS E 238 18.83 -7.46 1.71
N MET E 239 18.91 -8.20 0.59
CA MET E 239 19.79 -9.36 0.55
C MET E 239 21.26 -8.95 0.67
N MET E 240 21.65 -7.88 -0.03
CA MET E 240 23.02 -7.40 0.06
C MET E 240 23.32 -6.87 1.46
N LEU E 241 22.36 -6.15 2.06
CA LEU E 241 22.54 -5.65 3.42
C LEU E 241 22.66 -6.81 4.41
N SER E 242 21.86 -7.85 4.24
CA SER E 242 21.95 -9.03 5.10
C SER E 242 23.15 -9.89 4.74
N GLY E 243 23.46 -10.00 3.44
CA GLY E 243 24.60 -10.79 3.02
C GLY E 243 25.93 -10.24 3.51
N VAL E 244 26.04 -8.91 3.58
CA VAL E 244 27.27 -8.30 4.10
C VAL E 244 27.40 -8.54 5.59
N CYS E 245 26.31 -8.36 6.34
CA CYS E 245 26.36 -8.58 7.79
C CYS E 245 26.66 -10.03 8.12
N LEU E 246 26.04 -10.97 7.38
CA LEU E 246 26.32 -12.38 7.60
C LEU E 246 27.76 -12.72 7.25
N PHE E 247 28.29 -12.13 6.17
CA PHE E 247 29.69 -12.37 5.82
C PHE E 247 30.64 -11.80 6.86
N ALA E 248 30.27 -10.68 7.49
CA ALA E 248 31.10 -10.12 8.55
C ALA E 248 31.05 -10.97 9.82
N VAL E 249 29.90 -11.60 10.10
CA VAL E 249 29.82 -12.51 11.22
C VAL E 249 30.61 -13.78 10.96
N PHE E 250 30.57 -14.27 9.72
CA PHE E 250 31.31 -15.49 9.37
C PHE E 250 32.81 -15.30 9.56
N ILE E 251 33.35 -14.15 9.13
CA ILE E 251 34.77 -13.89 9.32
C ILE E 251 35.08 -13.68 10.79
N ALA E 252 34.19 -13.03 11.53
CA ALA E 252 34.40 -12.82 12.95
C ALA E 252 34.41 -14.14 13.71
N LEU E 253 33.55 -15.08 13.32
CA LEU E 253 33.48 -16.39 13.95
C LEU E 253 34.49 -17.37 13.36
N LEU E 254 35.24 -16.98 12.34
CA LEU E 254 36.23 -17.89 11.76
C LEU E 254 37.30 -18.34 12.74
N PRO E 255 37.91 -17.46 13.56
CA PRO E 255 38.86 -17.97 14.57
C PRO E 255 38.24 -18.96 15.54
N ILE E 256 36.98 -18.76 15.91
CA ILE E 256 36.31 -19.68 16.83
C ILE E 256 36.15 -21.05 16.17
N LEU E 257 35.74 -21.07 14.90
CA LEU E 257 35.58 -22.33 14.18
C LEU E 257 36.91 -22.96 13.79
N GLY E 258 38.01 -22.22 13.87
CA GLY E 258 39.33 -22.76 13.56
C GLY E 258 40.11 -23.13 14.80
N HIS E 259 39.40 -23.26 15.93
CA HIS E 259 39.94 -23.62 17.25
C HIS E 259 40.84 -22.55 17.84
N ARG E 260 41.06 -21.43 17.15
CA ARG E 260 41.88 -20.35 17.69
C ARG E 260 41.05 -19.50 18.65
N ASP E 261 41.67 -18.43 19.15
CA ASP E 261 41.01 -17.51 20.06
C ASP E 261 41.60 -16.12 19.90
N TYR E 262 40.86 -15.12 20.36
CA TYR E 262 41.35 -13.75 20.36
C TYR E 262 42.19 -13.51 21.60
N LYS E 263 43.39 -12.96 21.42
CA LYS E 263 44.33 -12.73 22.50
C LYS E 263 44.23 -11.29 23.00
N ILE E 264 44.60 -11.09 24.26
CA ILE E 264 44.63 -9.75 24.84
C ILE E 264 45.78 -8.97 24.22
N GLN E 265 45.50 -7.73 23.81
CA GLN E 265 46.49 -6.92 23.13
C GLN E 265 47.46 -6.30 24.14
N ALA E 266 48.46 -5.60 23.62
CA ALA E 266 49.54 -5.08 24.46
C ALA E 266 49.01 -4.06 25.46
N SER E 267 48.07 -3.22 25.04
CA SER E 267 47.52 -2.21 25.95
C SER E 267 46.74 -2.83 27.10
N ARG E 268 46.38 -4.11 27.00
CA ARG E 268 45.59 -4.81 28.02
C ARG E 268 44.26 -4.11 28.27
N THR E 269 43.68 -3.52 27.23
CA THR E 269 42.37 -2.90 27.32
C THR E 269 41.46 -3.27 26.16
N TRP E 270 41.91 -4.11 25.23
CA TRP E 270 41.09 -4.56 24.12
C TRP E 270 41.62 -5.90 23.64
N CYS E 271 40.71 -6.72 23.10
CA CYS E 271 41.05 -8.04 22.58
C CYS E 271 40.83 -8.07 21.08
N PHE E 272 41.77 -8.69 20.36
CA PHE E 272 41.73 -8.75 18.91
C PHE E 272 42.48 -10.01 18.48
N TYR E 273 42.82 -10.07 17.19
CA TYR E 273 43.59 -11.20 16.68
C TYR E 273 44.94 -11.30 17.37
N ASN E 274 45.60 -12.45 17.21
CA ASN E 274 46.92 -12.66 17.76
C ASN E 274 47.95 -11.96 16.89
N THR E 275 48.64 -10.96 17.46
CA THR E 275 49.62 -10.18 16.73
C THR E 275 51.03 -10.27 17.29
N GLU E 276 51.20 -10.69 18.54
CA GLU E 276 52.51 -10.78 19.17
C GLU E 276 53.00 -12.23 19.10
N ASP E 277 54.17 -12.42 18.47
CA ASP E 277 54.81 -13.73 18.36
C ASP E 277 53.89 -14.74 17.66
N ILE E 278 53.60 -14.45 16.40
CA ILE E 278 52.81 -15.36 15.57
C ILE E 278 53.73 -16.44 15.03
N LYS E 279 53.34 -17.71 15.23
CA LYS E 279 54.15 -18.85 14.83
C LYS E 279 53.50 -19.67 13.74
N ASP E 280 52.29 -20.16 13.94
CA ASP E 280 51.65 -21.03 12.97
C ASP E 280 51.20 -20.23 11.75
N TRP E 281 51.09 -20.94 10.61
CA TRP E 281 50.65 -20.28 9.38
C TRP E 281 49.20 -19.85 9.48
N GLU E 282 48.38 -20.55 10.26
CA GLU E 282 47.00 -20.12 10.47
C GLU E 282 46.93 -18.86 11.31
N ASP E 283 47.91 -18.65 12.20
CA ASP E 283 47.90 -17.46 13.04
C ASP E 283 48.06 -16.20 12.19
N ARG E 284 48.96 -16.23 11.21
CA ARG E 284 49.13 -15.09 10.32
C ARG E 284 48.05 -15.03 9.24
N PHE E 285 47.33 -16.13 9.02
CA PHE E 285 46.28 -16.14 8.01
C PHE E 285 45.14 -15.20 8.38
N TYR E 286 44.75 -15.19 9.66
CA TYR E 286 43.63 -14.34 10.08
C TYR E 286 43.96 -12.86 9.91
N LEU E 287 45.18 -12.44 10.28
CA LEU E 287 45.56 -11.06 10.09
C LEU E 287 45.58 -10.67 8.62
N LEU E 288 46.11 -11.55 7.77
CA LEU E 288 46.14 -11.27 6.33
C LEU E 288 44.72 -11.20 5.76
N LEU E 289 43.85 -12.12 6.17
CA LEU E 289 42.49 -12.12 5.65
C LEU E 289 41.74 -10.87 6.06
N PHE E 290 41.89 -10.43 7.31
CA PHE E 290 41.23 -9.22 7.75
C PHE E 290 41.75 -8.00 7.00
N SER E 291 43.07 -7.91 6.81
CA SER E 291 43.63 -6.80 6.05
C SER E 291 43.25 -6.87 4.58
N PHE E 292 43.24 -8.08 4.01
CA PHE E 292 42.88 -8.23 2.60
C PHE E 292 41.42 -7.83 2.37
N LEU E 293 40.52 -8.28 3.24
CA LEU E 293 39.12 -7.89 3.12
C LEU E 293 38.94 -6.40 3.39
N GLY E 294 39.68 -5.86 4.37
CA GLY E 294 39.57 -4.45 4.66
C GLY E 294 40.10 -3.58 3.53
N LEU E 295 41.23 -3.97 2.94
CA LEU E 295 41.80 -3.17 1.86
C LEU E 295 41.05 -3.36 0.55
N LEU E 296 40.56 -4.58 0.28
CA LEU E 296 39.76 -4.80 -0.92
C LEU E 296 38.47 -3.99 -0.87
N ALA E 297 37.81 -3.94 0.29
CA ALA E 297 36.64 -3.09 0.45
C ALA E 297 37.02 -1.62 0.29
N LEU E 298 38.18 -1.23 0.82
CA LEU E 298 38.66 0.13 0.63
C LEU E 298 38.93 0.43 -0.84
N GLY E 299 39.54 -0.52 -1.56
CA GLY E 299 39.86 -0.29 -2.95
C GLY E 299 38.63 -0.17 -3.83
N VAL E 300 37.65 -1.05 -3.64
CA VAL E 300 36.42 -0.99 -4.42
C VAL E 300 35.64 0.28 -4.06
N SER E 301 35.68 0.68 -2.79
CA SER E 301 35.04 1.93 -2.40
C SER E 301 35.66 3.12 -3.11
N LEU E 302 36.99 3.14 -3.21
CA LEU E 302 37.67 4.21 -3.93
C LEU E 302 37.40 4.13 -5.43
N LEU E 303 37.46 2.93 -6.00
CA LEU E 303 37.28 2.78 -7.44
C LEU E 303 35.87 3.17 -7.86
N CYS E 304 34.85 2.72 -7.12
CA CYS E 304 33.48 2.99 -7.53
C CYS E 304 33.07 4.44 -7.25
N ASN E 305 33.55 5.02 -6.15
CA ASN E 305 33.29 6.43 -5.90
C ASN E 305 34.00 7.31 -6.93
N ALA E 306 35.11 6.83 -7.49
CA ALA E 306 35.79 7.59 -8.53
C ALA E 306 35.01 7.56 -9.84
N ILE E 307 34.49 6.39 -10.22
CA ILE E 307 33.69 6.31 -11.45
C ILE E 307 32.43 7.14 -11.33
N THR E 308 31.81 7.14 -10.15
CA THR E 308 30.64 7.98 -9.91
C THR E 308 31.01 9.46 -10.03
N GLY E 309 32.12 9.86 -9.44
CA GLY E 309 32.53 11.26 -9.51
C GLY E 309 32.94 11.69 -10.90
N ILE E 310 33.67 10.82 -11.62
CA ILE E 310 34.11 11.15 -12.96
C ILE E 310 32.91 11.29 -13.89
N THR E 311 31.95 10.36 -13.80
CA THR E 311 30.77 10.42 -14.64
C THR E 311 29.95 11.67 -14.35
N LEU E 312 29.78 12.01 -13.08
CA LEU E 312 28.96 13.17 -12.73
C LEU E 312 29.55 14.46 -13.27
N LEU E 313 30.88 14.62 -13.15
CA LEU E 313 31.51 15.84 -13.65
C LEU E 313 31.38 15.94 -15.17
N ARG E 314 31.54 14.81 -15.87
CA ARG E 314 31.33 14.81 -17.32
C ARG E 314 29.89 15.10 -17.67
N VAL E 315 28.94 14.52 -16.92
CA VAL E 315 27.52 14.78 -17.17
C VAL E 315 27.18 16.22 -16.83
N LYS E 316 27.75 16.75 -15.74
CA LYS E 316 27.45 18.13 -15.34
C LYS E 316 27.93 19.12 -16.40
N PHE E 317 29.12 18.90 -16.95
CA PHE E 317 29.68 19.80 -17.95
C PHE E 317 29.49 19.24 -19.35
N SER E 327 22.58 20.19 -10.93
CA SER E 327 21.93 20.84 -9.80
C SER E 327 22.49 20.32 -8.48
N HIS E 328 22.41 19.01 -8.28
CA HIS E 328 22.97 18.36 -7.11
C HIS E 328 24.27 17.63 -7.39
N HIS E 329 24.86 17.85 -8.57
CA HIS E 329 26.09 17.16 -8.92
C HIS E 329 27.25 17.57 -8.03
N LEU E 330 27.40 18.87 -7.77
CA LEU E 330 28.51 19.33 -6.96
C LEU E 330 28.36 18.89 -5.51
N GLU E 331 27.13 18.89 -4.99
CA GLU E 331 26.90 18.39 -3.63
C GLU E 331 27.28 16.92 -3.52
N MET E 332 26.93 16.12 -4.52
CA MET E 332 27.28 14.71 -4.52
C MET E 332 28.78 14.50 -4.68
N VAL E 333 29.41 15.28 -5.56
CA VAL E 333 30.85 15.12 -5.80
C VAL E 333 31.64 15.48 -4.54
N ILE E 334 31.23 16.54 -3.85
CA ILE E 334 31.87 16.87 -2.58
C ILE E 334 31.64 15.74 -1.58
N GLN E 335 30.45 15.14 -1.59
CA GLN E 335 30.18 14.00 -0.72
C GLN E 335 31.10 12.83 -1.01
N LEU E 336 31.32 12.53 -2.31
CA LEU E 336 32.17 11.41 -2.67
C LEU E 336 33.61 11.64 -2.21
N LEU E 337 34.11 12.86 -2.34
CA LEU E 337 35.47 13.15 -1.88
C LEU E 337 35.59 13.00 -0.37
N ALA E 338 34.58 13.43 0.37
CA ALA E 338 34.60 13.27 1.82
C ALA E 338 34.60 11.79 2.21
N ILE E 339 33.83 10.98 1.48
CA ILE E 339 33.80 9.55 1.75
C ILE E 339 35.16 8.92 1.47
N MET E 340 35.76 9.26 0.33
CA MET E 340 37.03 8.65 -0.05
C MET E 340 38.15 9.05 0.89
N CYS E 341 38.20 10.32 1.29
CA CYS E 341 39.29 10.78 2.14
C CYS E 341 39.18 10.22 3.55
N VAL E 342 37.98 10.29 4.14
CA VAL E 342 37.81 9.85 5.53
C VAL E 342 38.01 8.34 5.64
N SER E 343 37.49 7.59 4.67
CA SER E 343 37.60 6.13 4.72
C SER E 343 39.03 5.64 4.60
N CYS E 344 39.95 6.45 4.07
CA CYS E 344 41.33 6.04 3.88
C CYS E 344 42.26 6.62 4.94
N ILE E 345 42.07 7.88 5.33
CA ILE E 345 42.90 8.47 6.39
C ILE E 345 42.71 7.72 7.69
N CYS E 346 41.54 7.13 7.90
CA CYS E 346 41.22 6.47 9.16
C CYS E 346 41.56 4.98 9.17
N TRP E 347 41.37 4.29 8.04
CA TRP E 347 41.52 2.83 8.03
C TRP E 347 42.86 2.37 7.48
N SER E 348 43.52 3.15 6.64
CA SER E 348 44.84 2.73 6.15
C SER E 348 45.87 2.52 7.24
N PRO E 349 46.02 3.40 8.24
CA PRO E 349 47.02 3.14 9.29
C PRO E 349 46.81 1.83 10.03
N PHE E 350 45.56 1.36 10.15
CA PHE E 350 45.28 0.13 10.89
C PHE E 350 45.32 -1.11 9.99
N LEU E 351 44.77 -1.02 8.78
CA LEU E 351 44.74 -2.18 7.90
C LEU E 351 46.13 -2.53 7.39
N VAL E 352 46.96 -1.50 7.12
CA VAL E 352 48.33 -1.76 6.69
C VAL E 352 49.16 -2.35 7.82
N THR E 353 48.92 -1.88 9.05
CA THR E 353 49.64 -2.42 10.20
C THR E 353 49.36 -3.91 10.39
N MET E 354 48.09 -4.31 10.25
CA MET E 354 47.74 -5.72 10.37
C MET E 354 48.40 -6.54 9.26
N ALA E 355 48.41 -6.01 8.03
CA ALA E 355 49.12 -6.69 6.95
C ALA E 355 50.63 -6.65 7.19
N ASN E 356 51.13 -5.61 7.85
CA ASN E 356 52.55 -5.55 8.17
C ASN E 356 52.94 -6.64 9.16
N ILE E 357 52.14 -6.81 10.22
CA ILE E 357 52.43 -7.84 11.22
C ILE E 357 52.25 -9.23 10.61
N GLY E 358 51.23 -9.41 9.78
CA GLY E 358 50.94 -10.72 9.21
C GLY E 358 52.04 -11.25 8.31
N ILE E 359 52.91 -10.39 7.79
CA ILE E 359 54.01 -10.78 6.93
C ILE E 359 55.34 -10.69 7.66
N ASN E 360 55.59 -9.57 8.35
CA ASN E 360 56.84 -9.38 9.05
C ASN E 360 56.91 -10.08 10.40
N GLY E 361 55.78 -10.54 10.93
CA GLY E 361 55.80 -11.23 12.20
C GLY E 361 56.23 -10.32 13.35
N ASN E 362 56.95 -10.91 14.31
CA ASN E 362 57.41 -10.14 15.46
C ASN E 362 58.55 -9.20 15.11
N HIS E 363 59.23 -9.42 13.97
CA HIS E 363 60.31 -8.54 13.55
C HIS E 363 59.81 -7.18 13.11
N SER E 364 58.52 -7.00 12.92
CA SER E 364 57.97 -5.72 12.51
C SER E 364 58.12 -4.69 13.63
N LEU E 365 58.34 -3.44 13.23
CA LEU E 365 58.41 -2.35 14.19
C LEU E 365 57.00 -1.85 14.51
N GLU E 366 56.12 -2.77 14.90
CA GLU E 366 54.74 -2.43 15.25
C GLU E 366 54.64 -2.39 16.77
N THR E 367 55.00 -1.24 17.33
CA THR E 367 54.97 -1.06 18.77
C THR E 367 53.52 -0.93 19.26
N CYS E 368 53.37 -0.98 20.59
CA CYS E 368 52.05 -0.85 21.18
C CYS E 368 51.44 0.52 20.88
N GLU E 369 52.25 1.58 20.96
CA GLU E 369 51.76 2.91 20.66
C GLU E 369 51.40 3.07 19.19
N THR E 370 52.11 2.37 18.30
CA THR E 370 51.81 2.47 16.88
C THR E 370 50.45 1.87 16.55
N THR E 371 50.17 0.67 17.08
CA THR E 371 48.90 0.02 16.80
C THR E 371 47.75 0.63 17.58
N LEU E 372 47.99 1.10 18.81
CA LEU E 372 46.95 1.77 19.57
C LEU E 372 46.50 3.05 18.89
N PHE E 373 47.45 3.84 18.38
CA PHE E 373 47.09 5.05 17.64
C PHE E 373 46.35 4.73 16.35
N ALA E 374 46.77 3.67 15.65
CA ALA E 374 46.07 3.27 14.44
C ALA E 374 44.65 2.79 14.74
N LEU E 375 44.41 2.28 15.95
CA LEU E 375 43.07 1.87 16.32
C LEU E 375 42.16 3.08 16.56
N ARG E 376 42.69 4.12 17.22
CA ARG E 376 41.88 5.30 17.49
C ARG E 376 41.52 6.06 16.22
N MET E 377 42.42 6.07 15.23
CA MET E 377 42.08 6.66 13.94
C MET E 377 40.97 5.88 13.25
N ALA E 378 41.06 4.54 13.26
CA ALA E 378 40.03 3.72 12.64
C ALA E 378 38.70 3.85 13.37
N THR E 379 38.74 4.18 14.66
CA THR E 379 37.50 4.41 15.40
C THR E 379 36.74 5.60 14.85
N TRP E 380 37.45 6.67 14.49
CA TRP E 380 36.80 7.88 14.00
C TRP E 380 36.13 7.69 12.65
N ASN E 381 36.48 6.63 11.90
CA ASN E 381 35.78 6.35 10.66
C ASN E 381 34.31 6.09 10.91
N GLN E 382 33.99 5.32 11.95
CA GLN E 382 32.60 5.09 12.31
C GLN E 382 31.99 6.30 13.01
N ILE E 383 32.80 7.12 13.65
CA ILE E 383 32.29 8.35 14.25
C ILE E 383 31.91 9.36 13.18
N LEU E 384 32.73 9.47 12.12
CA LEU E 384 32.49 10.43 11.07
C LEU E 384 31.55 9.94 9.99
N ASP E 385 31.25 8.64 9.96
CA ASP E 385 30.31 8.13 8.95
C ASP E 385 28.93 8.77 9.02
N PRO E 386 28.32 8.99 10.19
CA PRO E 386 27.05 9.75 10.20
C PRO E 386 27.17 11.13 9.59
N TRP E 387 28.30 11.81 9.80
CA TRP E 387 28.47 13.14 9.23
C TRP E 387 28.80 13.06 7.74
N VAL E 388 29.75 12.19 7.38
CA VAL E 388 30.19 12.12 5.98
C VAL E 388 29.07 11.64 5.08
N TYR E 389 28.22 10.74 5.58
CA TYR E 389 27.15 10.18 4.77
C TYR E 389 25.82 10.92 4.94
N ILE E 390 25.51 11.39 6.16
CA ILE E 390 24.18 11.91 6.44
C ILE E 390 24.23 13.35 6.94
N LEU E 391 24.91 13.57 8.06
CA LEU E 391 24.73 14.82 8.80
C LEU E 391 25.33 16.01 8.05
N LEU E 392 26.52 15.87 7.49
CA LEU E 392 27.16 16.98 6.77
C LEU E 392 26.56 17.09 5.38
N ARG E 393 25.29 17.50 5.36
CA ARG E 393 24.54 17.67 4.12
C ARG E 393 23.76 18.97 4.21
N LYS E 394 23.61 19.63 3.06
CA LYS E 394 22.95 20.93 3.04
C LYS E 394 21.51 20.84 3.53
N ALA E 395 20.77 19.82 3.06
CA ALA E 395 19.39 19.64 3.50
C ALA E 395 19.33 19.29 4.98
N VAL E 396 20.25 18.45 5.46
CA VAL E 396 20.23 18.03 6.85
C VAL E 396 20.59 19.19 7.78
N LEU E 397 21.60 19.97 7.41
CA LEU E 397 22.07 21.04 8.29
C LEU E 397 21.02 22.12 8.48
N LYS E 398 20.20 22.38 7.47
CA LYS E 398 19.14 23.38 7.61
C LYS E 398 18.13 22.97 8.67
N ASN E 399 17.74 21.70 8.68
CA ASN E 399 16.79 21.22 9.68
C ASN E 399 17.38 21.29 11.09
N LEU E 400 18.65 20.94 11.23
CA LEU E 400 19.28 20.98 12.54
C LEU E 400 19.37 22.41 13.08
N TYR E 401 19.53 23.39 12.19
CA TYR E 401 19.59 24.78 12.64
C TYR E 401 18.25 25.24 13.18
N LYS E 402 17.16 24.97 12.46
CA LYS E 402 15.84 25.38 12.92
C LYS E 402 15.40 24.59 14.15
N LEU E 403 15.79 23.32 14.25
CA LEU E 403 15.42 22.51 15.40
C LEU E 403 16.01 23.08 16.69
N ALA E 404 17.29 23.49 16.64
CA ALA E 404 17.92 24.05 17.82
C ALA E 404 17.27 25.36 18.24
N SER E 405 16.90 26.21 17.27
CA SER E 405 16.26 27.47 17.59
C SER E 405 14.90 27.25 18.24
N GLN E 406 14.13 26.28 17.73
CA GLN E 406 12.81 25.99 18.28
C GLN E 406 12.93 25.35 19.66
C2 UGU F . 41.72 2.05 23.17
C3 UGU F . 41.03 0.67 23.02
C4 UGU F . 39.49 0.84 22.90
C5 UGU F . 38.81 -0.51 22.62
C6 UGU F . 37.82 -0.51 21.68
C7 UGU F . 37.56 0.90 21.05
C8 UGU F . 36.10 1.31 21.30
C9 UGU F . 36.02 2.15 22.34
O3 UGU F . 37.21 2.98 22.44
C12 UGU F . 35.48 2.17 19.98
C11 UGU F . 34.44 2.82 20.46
O4 UGU F . 34.29 4.11 19.79
C10 UGU F . 34.75 3.06 22.03
C13 UGU F . 35.04 1.19 18.87
C14 UGU F . 34.81 1.80 17.67
C15 UGU F . 34.38 0.83 16.57
O5 UGU F . 34.42 1.47 15.34
C16 UGU F . 35.34 -0.39 16.55
C17 UGU F . 36.48 -0.24 15.50
C18 UGU F . 37.57 -1.33 15.69
C19 UGU F . 37.89 -2.07 14.36
C20 UGU F . 39.07 -3.05 14.52
O1 UGU F . 41.82 1.57 25.56
C1 UGU F . 42.03 2.40 24.63
O2 UGU F . 42.50 3.55 24.92
#